data_8VSI
#
_entry.id   8VSI
#
_cell.length_a   1.00
_cell.length_b   1.00
_cell.length_c   1.00
_cell.angle_alpha   90.00
_cell.angle_beta   90.00
_cell.angle_gamma   90.00
#
_symmetry.space_group_name_H-M   'P 1'
#
loop_
_entity.id
_entity.type
_entity.pdbx_description
1 polymer 'ABC transporter ATP-binding protein'
2 polymer 'Permease and ATP-binding protein of yersiniabactin-iron ABC transporter YbtQ'
3 non-polymer 'MAGNESIUM ION'
4 non-polymer 'ADP ORTHOVANADATE'
#
loop_
_entity_poly.entity_id
_entity_poly.type
_entity_poly.pdbx_seq_one_letter_code
_entity_poly.pdbx_strand_id
1 'polypeptide(L)'
;MSSQSSNTESLSRFPLWQVITPVRRKVILAMALAGLAALTSLGALLFLAWSLRDIRATPDAIPAWPLGGVIGCVVLTFVL
RLQAFNTSHYAAFHLENILRSRLARKALQLPPGVLQQMGSGSVAKVMLDDVKSLHIFVADSTPLYARAIIMPLATIVILF
WLDWRLAIATLGVLAFGSVVLVLARQRSENMAQRYHKAREQVSAAVIEFVQAMPVVRTFDSGSTSFLRYQRALEEWVDVL
KTWYRKAGFSARFSFSILNPLPTLFVLIWSGYGLLHYGSFDFIAWVAVLLLGSGMAEAVMPMMMLNNLVAQTRLSIQRIY
QVLAMPELSLPQSDQQPQEASITFEQVSFHYPQARTGAALQEVSFHVPAGQIVALVGPSGAGKSTVARLLLRYADPDKGH
IRIGGVDLRDMQTDTLMKQLSFVFQDNFLFADTIANNIRLGAPDTPLEAVIAAARVAQAHDFISALPEGYNTRVGERGVF
LSGGQRQRITIARALLQDRPILVLDEATAFADPENEAALIKALAAAMRGRTVIMVAHRLSMVTQADVILLFSDGQLREMG
NHTQLLAQGGLYQRLWQHYQQAQHWVPGGTQEEVVENERQ
;
A
2 'polypeptide(L)'
;MKDNNPADNLAWRVIWRQLISSVGSQARMLRRSMLALLLAAFMQGIAFACLYPIIDALLRGDAPQLLNWAMAFSVAAIVT
LVLRWYGLGFEYRGHLAQATHELRLRLGEQLRRVPLEKLQRGRAGEMNALLLGSVDENLNYVIAIANILLLTIVTPLTAS
LATLWIDWRLGLVMLLIFPLLVPFYYWRRPAMRRQMQTLGEAHQRLSGDIVEFAQGMMVLRTCGSDADKSRALLAHFNAL
ENLQTRTHRQGAGATMLIASVVELGLQVVVLSGIVWVVTGTLNLAFLIAAVAMIMRFAEPMAMFISYTSVVELIASALQR
IEQFMAIAPLPVAEQSEMPERYDIRFDNVSYRYEEGDGYALNHVSLTFPAASMSALVGASGAGKTTVTKLLMRYADPQQG
QISIGGVDIRRLTPEQLNSLISVVFQDVWLFDDTLLANIRIARPQATRQEVEEAARAAQCLEFISRLPQGWLTPMGEMGG
QLSGGERQRISIARALLKNAPVVILDEPTAALDIESELAVQKAIDNLVHNRTVIIIAHRLSTIAGAGNILVMEEGQVVEQ
GTHAQLLSHHGRYQALWQAQMAARVWRDDGVSASGEWVHE
;
B
#
loop_
_chem_comp.id
_chem_comp.type
_chem_comp.name
_chem_comp.formula
AOV non-polymer 'ADP ORTHOVANADATE' 'C10 H17 N5 O14 P2 V'
MG non-polymer 'MAGNESIUM ION' 'Mg 2'
#
# COMPACT_ATOMS: atom_id res chain seq x y z
N ARG A 13 -21.06 6.02 -17.83
CA ARG A 13 -20.78 4.72 -18.44
C ARG A 13 -21.13 3.59 -17.48
N PHE A 14 -21.71 3.95 -16.33
CA PHE A 14 -22.11 3.01 -15.29
C PHE A 14 -20.95 2.12 -14.86
N PRO A 15 -19.93 2.67 -14.20
CA PRO A 15 -18.79 1.85 -13.78
C PRO A 15 -19.18 0.70 -12.86
N LEU A 16 -20.14 0.94 -11.96
CA LEU A 16 -20.59 -0.12 -11.05
C LEU A 16 -21.23 -1.27 -11.83
N TRP A 17 -22.02 -0.94 -12.85
CA TRP A 17 -22.56 -1.98 -13.72
C TRP A 17 -21.47 -2.65 -14.55
N GLN A 18 -20.40 -1.92 -14.86
CA GLN A 18 -19.35 -2.46 -15.71
C GLN A 18 -18.48 -3.47 -14.97
N VAL A 19 -18.16 -3.20 -13.70
CA VAL A 19 -17.20 -4.06 -12.99
C VAL A 19 -17.78 -5.45 -12.74
N ILE A 20 -19.09 -5.57 -12.57
CA ILE A 20 -19.68 -6.86 -12.20
C ILE A 20 -19.84 -7.79 -13.39
N THR A 21 -19.36 -7.41 -14.56
CA THR A 21 -19.50 -8.26 -15.74
C THR A 21 -18.86 -9.63 -15.59
N PRO A 22 -17.62 -9.78 -15.10
CA PRO A 22 -17.07 -11.13 -14.94
C PRO A 22 -17.85 -12.00 -13.97
N VAL A 23 -18.57 -11.42 -13.02
CA VAL A 23 -19.35 -12.18 -12.06
C VAL A 23 -20.83 -11.82 -12.22
N ARG A 24 -21.22 -11.52 -13.46
CA ARG A 24 -22.57 -11.02 -13.72
C ARG A 24 -23.62 -12.06 -13.37
N ARG A 25 -23.37 -13.33 -13.68
CA ARG A 25 -24.36 -14.37 -13.39
C ARG A 25 -24.63 -14.46 -11.90
N LYS A 26 -23.57 -14.49 -11.09
CA LYS A 26 -23.76 -14.58 -9.64
C LYS A 26 -24.35 -13.29 -9.07
N VAL A 27 -23.99 -12.13 -9.62
CA VAL A 27 -24.58 -10.89 -9.12
C VAL A 27 -26.07 -10.84 -9.43
N ILE A 28 -26.47 -11.26 -10.62
CA ILE A 28 -27.89 -11.29 -10.97
C ILE A 28 -28.62 -12.33 -10.13
N LEU A 29 -27.97 -13.46 -9.83
CA LEU A 29 -28.57 -14.45 -8.93
C LEU A 29 -28.80 -13.85 -7.55
N ALA A 30 -27.81 -13.11 -7.04
CA ALA A 30 -27.97 -12.46 -5.73
C ALA A 30 -29.10 -11.45 -5.77
N MET A 31 -29.19 -10.66 -6.85
CA MET A 31 -30.29 -9.71 -6.99
C MET A 31 -31.64 -10.41 -6.98
N ALA A 32 -31.75 -11.51 -7.73
CA ALA A 32 -33.02 -12.23 -7.83
C ALA A 32 -33.42 -12.82 -6.48
N LEU A 33 -32.46 -13.42 -5.77
CA LEU A 33 -32.79 -13.99 -4.46
C LEU A 33 -33.10 -12.92 -3.43
N ALA A 34 -32.44 -11.76 -3.50
CA ALA A 34 -32.78 -10.66 -2.61
C ALA A 34 -34.19 -10.16 -2.89
N GLY A 35 -34.56 -10.05 -4.16
CA GLY A 35 -35.93 -9.65 -4.49
C GLY A 35 -36.95 -10.67 -4.04
N LEU A 36 -36.63 -11.97 -4.19
CA LEU A 36 -37.54 -13.01 -3.71
C LEU A 36 -37.69 -12.94 -2.19
N ALA A 37 -36.60 -12.71 -1.48
CA ALA A 37 -36.67 -12.56 -0.03
C ALA A 37 -37.51 -11.35 0.35
N ALA A 38 -37.38 -10.25 -0.40
CA ALA A 38 -38.18 -9.06 -0.14
C ALA A 38 -39.67 -9.35 -0.34
N LEU A 39 -40.01 -10.02 -1.44
CA LEU A 39 -41.41 -10.36 -1.69
C LEU A 39 -41.94 -11.30 -0.62
N THR A 40 -41.11 -12.24 -0.17
CA THR A 40 -41.53 -13.17 0.88
C THR A 40 -41.73 -12.44 2.21
N SER A 41 -40.91 -11.41 2.48
CA SER A 41 -41.12 -10.60 3.67
C SER A 41 -42.43 -9.82 3.60
N LEU A 42 -42.74 -9.26 2.42
CA LEU A 42 -44.03 -8.62 2.24
C LEU A 42 -45.16 -9.61 2.46
N GLY A 43 -45.02 -10.83 1.95
CA GLY A 43 -46.03 -11.84 2.21
C GLY A 43 -46.17 -12.17 3.68
N ALA A 44 -45.05 -12.22 4.40
CA ALA A 44 -45.10 -12.46 5.84
C ALA A 44 -45.86 -11.36 6.56
N LEU A 45 -45.58 -10.11 6.23
CA LEU A 45 -46.30 -9.01 6.87
C LEU A 45 -47.78 -9.03 6.51
N LEU A 46 -48.12 -9.39 5.26
CA LEU A 46 -49.52 -9.53 4.89
C LEU A 46 -50.21 -10.63 5.69
N PHE A 47 -49.57 -11.78 5.83
CA PHE A 47 -50.16 -12.87 6.60
C PHE A 47 -50.33 -12.49 8.06
N LEU A 48 -49.36 -11.78 8.62
CA LEU A 48 -49.45 -11.36 10.02
C LEU A 48 -50.53 -10.31 10.22
N ALA A 49 -50.69 -9.41 9.25
CA ALA A 49 -51.81 -8.46 9.29
C ALA A 49 -53.15 -9.18 9.19
N TRP A 50 -53.21 -10.23 8.37
CA TRP A 50 -54.44 -11.04 8.29
C TRP A 50 -54.71 -11.73 9.62
N SER A 51 -53.66 -12.22 10.29
CA SER A 51 -53.83 -12.81 11.61
C SER A 51 -54.38 -11.80 12.59
N LEU A 52 -53.84 -10.58 12.58
CA LEU A 52 -54.34 -9.53 13.48
C LEU A 52 -55.79 -9.19 13.16
N ARG A 53 -56.14 -9.12 11.87
CA ARG A 53 -57.52 -8.84 11.49
C ARG A 53 -58.46 -9.94 11.94
N ASP A 54 -58.05 -11.21 11.80
CA ASP A 54 -58.87 -12.31 12.26
C ASP A 54 -59.06 -12.27 13.77
N ILE A 55 -57.99 -11.94 14.51
CA ILE A 55 -58.11 -11.81 15.96
C ILE A 55 -59.07 -10.67 16.31
N ARG A 56 -59.01 -9.57 15.56
CA ARG A 56 -59.93 -8.46 15.78
C ARG A 56 -61.37 -8.88 15.54
N ALA A 57 -61.62 -9.61 14.46
CA ALA A 57 -62.99 -10.04 14.15
C ALA A 57 -63.45 -11.14 15.11
N THR A 58 -62.60 -12.12 15.35
CA THR A 58 -62.91 -13.21 16.28
C THR A 58 -61.90 -13.17 17.43
N PRO A 59 -62.29 -12.65 18.59
CA PRO A 59 -61.32 -12.52 19.70
C PRO A 59 -61.15 -13.80 20.49
N ASP A 60 -61.63 -14.92 19.95
CA ASP A 60 -61.57 -16.19 20.66
C ASP A 60 -60.99 -17.33 19.84
N ALA A 61 -60.46 -17.06 18.65
CA ALA A 61 -59.94 -18.11 17.77
C ALA A 61 -58.54 -17.76 17.31
N ILE A 62 -57.68 -18.76 17.24
CA ILE A 62 -56.32 -18.61 16.73
C ILE A 62 -56.34 -18.64 15.22
N PRO A 63 -55.84 -17.59 14.53
CA PRO A 63 -55.71 -17.67 13.07
C PRO A 63 -54.59 -18.61 12.67
N ALA A 64 -54.84 -19.91 12.78
CA ALA A 64 -53.77 -20.90 12.61
C ALA A 64 -53.17 -20.85 11.21
N TRP A 65 -54.02 -20.79 10.18
CA TRP A 65 -53.50 -20.77 8.81
C TRP A 65 -52.71 -19.50 8.51
N PRO A 66 -53.20 -18.29 8.78
CA PRO A 66 -52.37 -17.10 8.56
C PRO A 66 -51.09 -17.10 9.41
N LEU A 67 -51.14 -17.65 10.62
CA LEU A 67 -49.93 -17.70 11.45
C LEU A 67 -48.90 -18.66 10.87
N GLY A 68 -49.36 -19.81 10.37
CA GLY A 68 -48.46 -20.70 9.65
C GLY A 68 -47.86 -20.02 8.43
N GLY A 69 -48.69 -19.26 7.71
CA GLY A 69 -48.20 -18.52 6.56
C GLY A 69 -47.11 -17.53 6.94
N VAL A 70 -47.32 -16.76 8.01
CA VAL A 70 -46.35 -15.75 8.38
C VAL A 70 -45.06 -16.39 8.89
N ILE A 71 -45.14 -17.47 9.66
CA ILE A 71 -43.91 -18.08 10.15
C ILE A 71 -43.14 -18.71 9.00
N GLY A 72 -43.83 -19.39 8.09
CA GLY A 72 -43.14 -19.94 6.93
C GLY A 72 -42.51 -18.88 6.06
N CYS A 73 -43.23 -17.77 5.85
CA CYS A 73 -42.68 -16.68 5.05
C CYS A 73 -41.48 -16.04 5.73
N VAL A 74 -41.49 -15.95 7.06
CA VAL A 74 -40.31 -15.44 7.78
C VAL A 74 -39.13 -16.37 7.55
N VAL A 75 -39.36 -17.68 7.64
CA VAL A 75 -38.28 -18.64 7.45
C VAL A 75 -37.68 -18.52 6.06
N LEU A 76 -38.55 -18.54 5.03
CA LEU A 76 -38.05 -18.37 3.67
C LEU A 76 -37.38 -17.03 3.47
N THR A 77 -37.90 -15.97 4.11
CA THR A 77 -37.30 -14.65 3.96
C THR A 77 -35.85 -14.64 4.44
N PHE A 78 -35.61 -15.14 5.66
CA PHE A 78 -34.22 -15.05 6.13
C PHE A 78 -33.32 -16.06 5.43
N VAL A 79 -33.85 -17.22 5.03
CA VAL A 79 -33.03 -18.17 4.28
C VAL A 79 -32.59 -17.57 2.96
N LEU A 80 -33.52 -16.97 2.21
CA LEU A 80 -33.19 -16.37 0.94
C LEU A 80 -32.24 -15.18 1.12
N ARG A 81 -32.45 -14.36 2.16
CA ARG A 81 -31.56 -13.24 2.41
C ARG A 81 -30.13 -13.72 2.64
N LEU A 82 -29.97 -14.72 3.52
CA LEU A 82 -28.63 -15.21 3.83
C LEU A 82 -27.98 -15.86 2.61
N GLN A 83 -28.74 -16.64 1.85
CA GLN A 83 -28.17 -17.29 0.68
C GLN A 83 -27.76 -16.26 -0.37
N ALA A 84 -28.56 -15.21 -0.55
CA ALA A 84 -28.21 -14.16 -1.49
C ALA A 84 -26.95 -13.42 -1.04
N PHE A 85 -26.83 -13.16 0.27
CA PHE A 85 -25.62 -12.52 0.78
C PHE A 85 -24.39 -13.39 0.56
N ASN A 86 -24.54 -14.71 0.78
CA ASN A 86 -23.43 -15.62 0.52
C ASN A 86 -23.02 -15.60 -0.94
N THR A 87 -24.01 -15.64 -1.85
CA THR A 87 -23.71 -15.60 -3.28
C THR A 87 -23.00 -14.29 -3.65
N SER A 88 -23.46 -13.18 -3.09
CA SER A 88 -22.83 -11.89 -3.37
C SER A 88 -21.39 -11.88 -2.87
N HIS A 89 -21.14 -12.46 -1.69
CA HIS A 89 -19.77 -12.51 -1.18
C HIS A 89 -18.86 -13.37 -2.06
N TYR A 90 -19.36 -14.53 -2.51
CA TYR A 90 -18.54 -15.35 -3.40
C TYR A 90 -18.25 -14.61 -4.71
N ALA A 91 -19.26 -13.93 -5.26
CA ALA A 91 -19.06 -13.16 -6.47
C ALA A 91 -18.05 -12.04 -6.25
N ALA A 92 -18.10 -11.40 -5.09
CA ALA A 92 -17.15 -10.34 -4.79
C ALA A 92 -15.72 -10.86 -4.70
N PHE A 93 -15.53 -12.02 -4.05
CA PHE A 93 -14.19 -12.60 -3.98
C PHE A 93 -13.68 -12.96 -5.37
N HIS A 94 -14.53 -13.57 -6.20
CA HIS A 94 -14.12 -13.93 -7.55
C HIS A 94 -13.79 -12.69 -8.37
N LEU A 95 -14.58 -11.62 -8.22
CA LEU A 95 -14.32 -10.39 -8.93
C LEU A 95 -13.01 -9.75 -8.47
N GLU A 96 -12.73 -9.79 -7.18
CA GLU A 96 -11.47 -9.26 -6.68
C GLU A 96 -10.29 -10.01 -7.28
N ASN A 97 -10.38 -11.34 -7.32
CA ASN A 97 -9.30 -12.13 -7.91
C ASN A 97 -9.13 -11.79 -9.39
N ILE A 98 -10.23 -11.69 -10.12
CA ILE A 98 -10.15 -11.41 -11.56
C ILE A 98 -9.54 -10.03 -11.80
N LEU A 99 -9.99 -9.04 -11.05
CA LEU A 99 -9.49 -7.68 -11.23
C LEU A 99 -8.01 -7.59 -10.88
N ARG A 100 -7.60 -8.24 -9.78
CA ARG A 100 -6.19 -8.19 -9.41
C ARG A 100 -5.31 -8.90 -10.45
N SER A 101 -5.77 -10.04 -10.95
CA SER A 101 -5.00 -10.73 -12.00
C SER A 101 -4.90 -9.89 -13.26
N ARG A 102 -6.00 -9.26 -13.66
CA ARG A 102 -5.97 -8.42 -14.86
C ARG A 102 -5.05 -7.22 -14.66
N LEU A 103 -5.06 -6.62 -13.47
CA LEU A 103 -4.18 -5.49 -13.18
C LEU A 103 -2.72 -5.92 -13.22
N ALA A 104 -2.40 -7.09 -12.66
CA ALA A 104 -1.03 -7.59 -12.71
C ALA A 104 -0.59 -7.85 -14.13
N ARG A 105 -1.46 -8.45 -14.95
CA ARG A 105 -1.12 -8.71 -16.34
C ARG A 105 -0.92 -7.41 -17.10
N LYS A 106 -1.77 -6.41 -16.86
CA LYS A 106 -1.60 -5.12 -17.51
C LYS A 106 -0.29 -4.45 -17.09
N ALA A 107 0.06 -4.54 -15.81
CA ALA A 107 1.32 -3.98 -15.34
C ALA A 107 2.49 -4.68 -16.02
N LEU A 108 2.41 -6.00 -16.20
CA LEU A 108 3.44 -6.71 -16.94
C LEU A 108 3.52 -6.24 -18.38
N GLN A 109 2.37 -6.03 -19.02
CA GLN A 109 2.33 -5.64 -20.43
C GLN A 109 2.55 -4.15 -20.64
N LEU A 110 2.49 -3.34 -19.59
CA LEU A 110 2.71 -1.92 -19.74
C LEU A 110 4.17 -1.64 -20.11
N PRO A 111 4.42 -0.59 -20.88
CA PRO A 111 5.81 -0.21 -21.19
C PRO A 111 6.57 0.10 -19.91
N PRO A 112 7.85 -0.30 -19.84
CA PRO A 112 8.61 -0.05 -18.61
C PRO A 112 8.68 1.41 -18.22
N GLY A 113 8.79 2.32 -19.19
CA GLY A 113 8.85 3.74 -18.86
C GLY A 113 7.55 4.25 -18.28
N VAL A 114 6.41 3.83 -18.85
CA VAL A 114 5.12 4.28 -18.35
C VAL A 114 4.90 3.77 -16.93
N LEU A 115 5.21 2.50 -16.68
CA LEU A 115 5.03 1.94 -15.35
C LEU A 115 5.97 2.60 -14.34
N GLN A 116 7.22 2.86 -14.75
CA GLN A 116 8.15 3.55 -13.86
C GLN A 116 7.66 4.96 -13.52
N GLN A 117 7.14 5.68 -14.52
CA GLN A 117 6.61 7.02 -14.28
C GLN A 117 5.40 6.97 -13.36
N MET A 118 4.52 5.98 -13.54
CA MET A 118 3.31 5.92 -12.74
C MET A 118 3.63 5.66 -11.27
N GLY A 119 4.63 4.83 -11.01
CA GLY A 119 5.15 4.69 -9.66
C GLY A 119 4.74 3.39 -9.00
N SER A 120 5.60 2.91 -8.10
CA SER A 120 5.27 1.70 -7.34
C SER A 120 4.15 1.95 -6.35
N GLY A 121 4.12 3.14 -5.75
CA GLY A 121 3.03 3.46 -4.84
C GLY A 121 1.68 3.47 -5.52
N SER A 122 1.63 3.96 -6.75
CA SER A 122 0.38 3.92 -7.51
C SER A 122 -0.03 2.49 -7.81
N VAL A 123 0.93 1.62 -8.12
CA VAL A 123 0.62 0.22 -8.36
C VAL A 123 0.05 -0.42 -7.10
N ALA A 124 0.67 -0.15 -5.95
CA ALA A 124 0.17 -0.70 -4.69
C ALA A 124 -1.23 -0.17 -4.38
N LYS A 125 -1.48 1.12 -4.64
CA LYS A 125 -2.78 1.70 -4.38
C LYS A 125 -3.86 1.07 -5.26
N VAL A 126 -3.63 1.02 -6.57
CA VAL A 126 -4.67 0.54 -7.48
C VAL A 126 -4.86 -0.97 -7.34
N MET A 127 -3.78 -1.73 -7.22
CA MET A 127 -3.87 -3.18 -7.23
C MET A 127 -4.47 -3.73 -5.95
N LEU A 128 -4.15 -3.11 -4.80
CA LEU A 128 -4.59 -3.63 -3.51
C LEU A 128 -5.81 -2.90 -2.96
N ASP A 129 -5.69 -1.59 -2.75
CA ASP A 129 -6.74 -0.86 -2.04
C ASP A 129 -7.98 -0.66 -2.90
N ASP A 130 -7.79 -0.32 -4.17
CA ASP A 130 -8.93 -0.09 -5.05
C ASP A 130 -9.72 -1.39 -5.28
N VAL A 131 -9.02 -2.51 -5.47
CA VAL A 131 -9.70 -3.79 -5.60
C VAL A 131 -10.36 -4.19 -4.28
N LYS A 132 -9.72 -3.87 -3.16
CA LYS A 132 -10.32 -4.17 -1.86
C LYS A 132 -11.61 -3.39 -1.64
N SER A 133 -11.68 -2.16 -2.17
CA SER A 133 -12.90 -1.35 -2.02
C SER A 133 -14.07 -1.95 -2.77
N LEU A 134 -13.82 -2.84 -3.74
CA LEU A 134 -14.92 -3.49 -4.46
C LEU A 134 -15.74 -4.41 -3.58
N HIS A 135 -15.18 -4.88 -2.47
CA HIS A 135 -15.88 -5.83 -1.62
C HIS A 135 -17.14 -5.22 -1.05
N ILE A 136 -17.04 -4.00 -0.50
CA ILE A 136 -18.21 -3.34 0.08
C ILE A 136 -19.37 -3.37 -0.90
N PHE A 137 -19.16 -2.78 -2.08
CA PHE A 137 -20.21 -2.72 -3.10
C PHE A 137 -20.70 -4.12 -3.44
N VAL A 138 -19.85 -4.97 -4.00
CA VAL A 138 -20.33 -6.21 -4.61
C VAL A 138 -20.98 -7.12 -3.57
N ALA A 139 -20.34 -7.27 -2.40
CA ALA A 139 -20.78 -8.25 -1.42
C ALA A 139 -21.76 -7.70 -0.38
N ASP A 140 -22.04 -6.39 -0.37
CA ASP A 140 -22.94 -5.86 0.65
C ASP A 140 -23.90 -4.81 0.13
N SER A 141 -24.00 -4.60 -1.18
CA SER A 141 -24.95 -3.61 -1.65
C SER A 141 -25.90 -4.16 -2.71
N THR A 142 -25.42 -5.01 -3.61
CA THR A 142 -26.31 -5.54 -4.63
C THR A 142 -27.53 -6.27 -4.05
N PRO A 143 -27.42 -7.11 -3.01
CA PRO A 143 -28.67 -7.56 -2.37
C PRO A 143 -29.46 -6.39 -1.78
N LEU A 144 -28.79 -5.39 -1.25
CA LEU A 144 -29.48 -4.23 -0.70
C LEU A 144 -30.09 -3.37 -1.80
N TYR A 145 -29.40 -3.23 -2.94
CA TYR A 145 -30.00 -2.55 -4.09
C TYR A 145 -31.25 -3.29 -4.56
N ALA A 146 -31.18 -4.62 -4.65
CA ALA A 146 -32.35 -5.39 -5.06
C ALA A 146 -33.49 -5.22 -4.07
N ARG A 147 -33.19 -5.26 -2.77
CA ARG A 147 -34.23 -5.04 -1.77
C ARG A 147 -34.85 -3.67 -1.90
N ALA A 148 -34.02 -2.63 -2.07
CA ALA A 148 -34.50 -1.26 -2.16
C ALA A 148 -35.26 -0.97 -3.45
N ILE A 149 -35.07 -1.76 -4.51
CA ILE A 149 -35.85 -1.60 -5.72
C ILE A 149 -37.04 -2.56 -5.76
N ILE A 150 -37.09 -3.57 -4.89
CA ILE A 150 -38.19 -4.52 -4.94
C ILE A 150 -39.26 -4.19 -3.91
N MET A 151 -38.87 -3.97 -2.64
CA MET A 151 -39.88 -3.74 -1.61
C MET A 151 -40.76 -2.52 -1.89
N PRO A 152 -40.22 -1.34 -2.20
CA PRO A 152 -41.12 -0.20 -2.46
C PRO A 152 -42.09 -0.41 -3.60
N LEU A 153 -41.63 -1.05 -4.70
CA LEU A 153 -42.46 -1.15 -5.89
C LEU A 153 -43.66 -2.07 -5.66
N ALA A 154 -43.46 -3.18 -4.98
CA ALA A 154 -44.60 -4.05 -4.65
C ALA A 154 -45.41 -3.47 -3.50
N THR A 155 -44.74 -2.81 -2.55
CA THR A 155 -45.40 -2.31 -1.36
C THR A 155 -46.38 -1.19 -1.71
N ILE A 156 -46.04 -0.36 -2.70
CA ILE A 156 -46.96 0.72 -3.07
C ILE A 156 -48.24 0.14 -3.65
N VAL A 157 -48.12 -0.90 -4.48
CA VAL A 157 -49.31 -1.56 -5.03
C VAL A 157 -50.12 -2.20 -3.91
N ILE A 158 -49.45 -2.87 -2.97
CA ILE A 158 -50.17 -3.53 -1.88
C ILE A 158 -50.92 -2.52 -1.04
N LEU A 159 -50.28 -1.39 -0.71
CA LEU A 159 -50.93 -0.40 0.14
C LEU A 159 -52.05 0.33 -0.61
N PHE A 160 -51.89 0.56 -1.92
CA PHE A 160 -52.99 1.13 -2.69
C PHE A 160 -54.19 0.18 -2.72
N TRP A 161 -53.93 -1.12 -2.88
CA TRP A 161 -55.01 -2.10 -2.75
C TRP A 161 -55.57 -2.11 -1.34
N LEU A 162 -54.76 -1.74 -0.35
CA LEU A 162 -55.11 -1.84 1.06
C LEU A 162 -55.81 -0.58 1.55
N ASP A 163 -55.13 0.57 1.47
CA ASP A 163 -55.71 1.84 1.87
C ASP A 163 -54.97 2.93 1.12
N TRP A 164 -55.64 3.55 0.14
CA TRP A 164 -54.95 4.45 -0.77
C TRP A 164 -54.53 5.76 -0.11
N ARG A 165 -55.17 6.16 0.99
CA ARG A 165 -54.82 7.41 1.64
C ARG A 165 -53.53 7.28 2.45
N LEU A 166 -53.43 6.24 3.28
CA LEU A 166 -52.17 5.96 3.95
C LEU A 166 -51.07 5.61 2.95
N ALA A 167 -51.43 4.95 1.86
CA ALA A 167 -50.47 4.70 0.80
C ALA A 167 -49.95 6.00 0.21
N ILE A 168 -50.84 6.96 -0.03
CA ILE A 168 -50.41 8.27 -0.54
C ILE A 168 -49.50 8.96 0.45
N ALA A 169 -49.82 8.87 1.75
CA ALA A 169 -48.99 9.52 2.76
C ALA A 169 -47.57 8.93 2.79
N THR A 170 -47.47 7.60 2.83
CA THR A 170 -46.16 6.96 2.90
C THR A 170 -45.39 7.14 1.60
N LEU A 171 -46.08 7.08 0.47
CA LEU A 171 -45.45 7.37 -0.82
C LEU A 171 -44.95 8.80 -0.88
N GLY A 172 -45.67 9.74 -0.27
CA GLY A 172 -45.18 11.11 -0.20
C GLY A 172 -43.95 11.23 0.66
N VAL A 173 -43.88 10.47 1.75
CA VAL A 173 -42.67 10.44 2.57
C VAL A 173 -41.49 9.95 1.73
N LEU A 174 -41.68 8.82 1.03
CA LEU A 174 -40.61 8.26 0.21
C LEU A 174 -40.22 9.21 -0.92
N ALA A 175 -41.21 9.87 -1.53
CA ALA A 175 -40.93 10.80 -2.61
C ALA A 175 -40.18 12.01 -2.11
N PHE A 176 -40.54 12.53 -0.94
CA PHE A 176 -39.78 13.64 -0.35
C PHE A 176 -38.33 13.24 -0.13
N GLY A 177 -38.11 12.07 0.45
CA GLY A 177 -36.74 11.61 0.67
C GLY A 177 -35.97 11.47 -0.64
N SER A 178 -36.59 10.83 -1.63
CA SER A 178 -35.92 10.60 -2.91
C SER A 178 -35.62 11.90 -3.64
N VAL A 179 -36.57 12.83 -3.64
CA VAL A 179 -36.37 14.11 -4.32
C VAL A 179 -35.25 14.90 -3.64
N VAL A 180 -35.24 14.92 -2.30
CA VAL A 180 -34.16 15.64 -1.61
C VAL A 180 -32.81 14.99 -1.92
N LEU A 181 -32.75 13.66 -1.92
CA LEU A 181 -31.49 12.98 -2.22
C LEU A 181 -31.03 13.25 -3.64
N VAL A 182 -31.96 13.27 -4.61
CA VAL A 182 -31.59 13.51 -5.99
C VAL A 182 -31.15 14.95 -6.20
N LEU A 183 -31.82 15.90 -5.55
CA LEU A 183 -31.44 17.30 -5.68
C LEU A 183 -30.04 17.55 -5.13
N ALA A 184 -29.71 16.93 -4.00
CA ALA A 184 -28.40 17.09 -3.38
C ALA A 184 -27.50 15.96 -3.85
N ARG A 185 -26.79 16.18 -4.95
CA ARG A 185 -25.87 15.22 -5.52
C ARG A 185 -24.55 15.92 -5.83
N GLN A 186 -23.46 15.48 -5.19
CA GLN A 186 -22.16 16.08 -5.46
C GLN A 186 -21.59 15.62 -6.79
N ARG A 187 -21.95 14.42 -7.24
CA ARG A 187 -21.58 13.85 -8.54
C ARG A 187 -20.09 13.50 -8.59
N SER A 188 -19.34 13.86 -7.55
CA SER A 188 -17.90 13.56 -7.46
C SER A 188 -17.16 14.03 -8.71
N GLU A 189 -17.48 15.23 -9.17
CA GLU A 189 -16.92 15.78 -10.39
C GLU A 189 -15.91 16.89 -10.06
N ASN A 190 -14.88 16.98 -10.88
CA ASN A 190 -13.78 17.95 -10.80
C ASN A 190 -12.92 17.75 -9.56
N MET A 191 -13.13 16.69 -8.78
CA MET A 191 -12.31 16.43 -7.61
C MET A 191 -11.80 14.99 -7.54
N ALA A 192 -12.24 14.12 -8.46
CA ALA A 192 -11.74 12.74 -8.46
C ALA A 192 -10.25 12.69 -8.76
N GLN A 193 -9.78 13.54 -9.67
CA GLN A 193 -8.36 13.56 -10.00
C GLN A 193 -7.52 13.96 -8.78
N ARG A 194 -7.96 15.01 -8.06
CA ARG A 194 -7.23 15.43 -6.87
C ARG A 194 -7.27 14.35 -5.80
N TYR A 195 -8.43 13.72 -5.61
CA TYR A 195 -8.56 12.65 -4.63
C TYR A 195 -7.57 11.52 -4.93
N HIS A 196 -7.57 11.05 -6.17
CA HIS A 196 -6.61 10.01 -6.56
C HIS A 196 -5.19 10.48 -6.32
N LYS A 197 -4.78 11.57 -6.99
CA LYS A 197 -3.40 12.03 -6.88
C LYS A 197 -2.94 12.12 -5.44
N ALA A 198 -3.80 12.64 -4.55
CA ALA A 198 -3.45 12.66 -3.13
C ALA A 198 -3.25 11.25 -2.59
N ARG A 199 -4.13 10.31 -2.97
CA ARG A 199 -4.03 8.96 -2.44
C ARG A 199 -2.74 8.26 -2.88
N GLU A 200 -2.45 8.26 -4.18
CA GLU A 200 -1.19 7.65 -4.63
C GLU A 200 0.03 8.42 -4.14
N GLN A 201 -0.03 9.74 -3.99
CA GLN A 201 1.13 10.44 -3.42
C GLN A 201 1.37 10.05 -1.98
N VAL A 202 0.32 9.85 -1.18
CA VAL A 202 0.52 9.39 0.18
C VAL A 202 1.12 7.99 0.19
N SER A 203 0.62 7.09 -0.66
CA SER A 203 1.17 5.74 -0.71
C SER A 203 2.65 5.77 -1.13
N ALA A 204 2.96 6.55 -2.16
CA ALA A 204 4.35 6.65 -2.62
C ALA A 204 5.24 7.29 -1.56
N ALA A 205 4.71 8.27 -0.83
CA ALA A 205 5.48 8.89 0.25
C ALA A 205 5.78 7.89 1.35
N VAL A 206 4.82 7.03 1.69
CA VAL A 206 5.06 6.01 2.72
C VAL A 206 6.14 5.04 2.25
N ILE A 207 6.02 4.56 0.99
CA ILE A 207 7.01 3.61 0.48
C ILE A 207 8.39 4.25 0.42
N GLU A 208 8.46 5.50 -0.06
CA GLU A 208 9.71 6.23 -0.13
C GLU A 208 10.32 6.45 1.24
N PHE A 209 9.49 6.76 2.24
CA PHE A 209 9.95 6.93 3.61
C PHE A 209 10.55 5.63 4.13
N VAL A 210 9.90 4.50 3.87
CA VAL A 210 10.38 3.24 4.40
C VAL A 210 11.67 2.82 3.71
N GLN A 211 11.74 2.93 2.39
CA GLN A 211 12.87 2.41 1.65
C GLN A 211 14.07 3.35 1.61
N ALA A 212 13.91 4.61 2.01
CA ALA A 212 15.01 5.57 2.03
C ALA A 212 15.26 6.10 3.44
N MET A 213 14.99 5.28 4.45
CA MET A 213 15.12 5.73 5.83
C MET A 213 16.51 6.23 6.20
N PRO A 214 17.62 5.58 5.83
CA PRO A 214 18.93 6.17 6.17
C PRO A 214 19.11 7.58 5.64
N VAL A 215 18.65 7.84 4.41
CA VAL A 215 18.78 9.17 3.83
C VAL A 215 17.87 10.16 4.55
N VAL A 216 16.66 9.72 4.93
CA VAL A 216 15.74 10.59 5.65
C VAL A 216 16.32 10.97 7.00
N ARG A 217 16.86 9.99 7.73
CA ARG A 217 17.41 10.27 9.06
C ARG A 217 18.69 11.11 8.97
N THR A 218 19.49 10.91 7.93
CA THR A 218 20.74 11.65 7.80
C THR A 218 20.49 13.10 7.44
N PHE A 219 19.61 13.36 6.48
CA PHE A 219 19.44 14.69 5.91
C PHE A 219 18.17 15.41 6.32
N ASP A 220 17.03 14.72 6.32
CA ASP A 220 15.74 15.36 6.59
C ASP A 220 15.54 15.49 8.10
N SER A 221 16.25 16.45 8.68
CA SER A 221 16.12 16.76 10.09
C SER A 221 15.21 17.94 10.37
N GLY A 222 14.71 18.60 9.32
CA GLY A 222 13.87 19.77 9.53
C GLY A 222 12.52 19.43 10.16
N SER A 223 11.92 18.32 9.75
CA SER A 223 10.60 17.93 10.21
C SER A 223 10.65 16.55 10.85
N THR A 224 9.87 16.38 11.91
CA THR A 224 9.70 15.05 12.50
C THR A 224 9.07 14.13 11.47
N SER A 225 9.47 12.86 11.52
CA SER A 225 9.09 11.86 10.51
C SER A 225 9.71 12.32 9.19
N PHE A 226 8.94 12.43 8.11
CA PHE A 226 9.47 12.77 6.80
C PHE A 226 8.66 13.89 6.17
N LEU A 227 9.37 14.86 5.59
CA LEU A 227 8.75 16.12 5.18
C LEU A 227 7.76 15.90 4.04
N ARG A 228 8.17 15.17 3.00
CA ARG A 228 7.27 14.90 1.89
C ARG A 228 6.09 14.05 2.34
N TYR A 229 6.33 13.13 3.28
CA TYR A 229 5.25 12.35 3.86
C TYR A 229 4.25 13.25 4.59
N GLN A 230 4.76 14.25 5.33
CA GLN A 230 3.88 15.21 6.00
C GLN A 230 3.07 16.03 5.00
N ARG A 231 3.72 16.50 3.91
CA ARG A 231 2.99 17.25 2.90
C ARG A 231 1.89 16.42 2.26
N ALA A 232 2.20 15.16 1.95
CA ALA A 232 1.20 14.27 1.36
C ALA A 232 0.06 14.02 2.35
N LEU A 233 0.37 13.86 3.63
CA LEU A 233 -0.67 13.68 4.63
C LEU A 233 -1.59 14.88 4.71
N GLU A 234 -1.03 16.09 4.65
CA GLU A 234 -1.87 17.28 4.69
C GLU A 234 -2.74 17.40 3.44
N GLU A 235 -2.18 17.09 2.28
CA GLU A 235 -3.01 17.12 1.07
C GLU A 235 -4.13 16.10 1.15
N TRP A 236 -3.83 14.88 1.62
CA TRP A 236 -4.84 13.85 1.74
C TRP A 236 -5.91 14.23 2.76
N VAL A 237 -5.52 14.83 3.88
CA VAL A 237 -6.53 15.20 4.87
C VAL A 237 -7.39 16.35 4.37
N ASP A 238 -6.82 17.28 3.59
CA ASP A 238 -7.64 18.31 2.97
C ASP A 238 -8.66 17.70 2.02
N VAL A 239 -8.21 16.75 1.19
CA VAL A 239 -9.12 16.09 0.26
C VAL A 239 -10.21 15.33 1.02
N LEU A 240 -9.82 14.63 2.09
CA LEU A 240 -10.79 13.87 2.87
C LEU A 240 -11.81 14.77 3.54
N LYS A 241 -11.37 15.90 4.10
CA LYS A 241 -12.31 16.82 4.71
C LYS A 241 -13.27 17.39 3.68
N THR A 242 -12.76 17.76 2.50
CA THR A 242 -13.63 18.27 1.45
C THR A 242 -14.65 17.22 1.03
N TRP A 243 -14.20 15.97 0.84
CA TRP A 243 -15.09 14.91 0.40
C TRP A 243 -16.15 14.61 1.46
N TYR A 244 -15.77 14.59 2.73
CA TYR A 244 -16.72 14.28 3.79
C TYR A 244 -17.72 15.41 3.98
N ARG A 245 -17.27 16.66 3.88
CA ARG A 245 -18.19 17.79 3.97
C ARG A 245 -19.17 17.79 2.80
N LYS A 246 -18.68 17.47 1.59
CA LYS A 246 -19.53 17.48 0.41
C LYS A 246 -20.59 16.38 0.47
N ALA A 247 -20.31 15.26 1.14
CA ALA A 247 -21.24 14.14 1.22
C ALA A 247 -21.94 14.04 2.56
N GLY A 248 -21.71 14.99 3.47
CA GLY A 248 -22.32 14.90 4.78
C GLY A 248 -23.84 15.03 4.76
N PHE A 249 -24.33 16.01 3.99
CA PHE A 249 -25.77 16.31 4.02
C PHE A 249 -26.59 15.16 3.47
N SER A 250 -26.20 14.63 2.31
CA SER A 250 -26.98 13.56 1.71
C SER A 250 -27.00 12.32 2.60
N ALA A 251 -25.83 11.96 3.14
CA ALA A 251 -25.75 10.78 4.01
C ALA A 251 -26.59 10.97 5.27
N ARG A 252 -26.49 12.13 5.91
CA ARG A 252 -27.19 12.35 7.17
C ARG A 252 -28.69 12.54 6.96
N PHE A 253 -29.10 13.04 5.79
CA PHE A 253 -30.52 13.14 5.50
C PHE A 253 -31.11 11.78 5.18
N SER A 254 -30.40 10.97 4.39
CA SER A 254 -30.88 9.62 4.11
C SER A 254 -30.96 8.79 5.38
N PHE A 255 -30.18 9.15 6.40
CA PHE A 255 -30.20 8.41 7.66
C PHE A 255 -31.34 8.85 8.56
N SER A 256 -31.96 10.01 8.28
CA SER A 256 -33.05 10.54 9.09
C SER A 256 -34.39 10.53 8.38
N ILE A 257 -34.42 10.42 7.06
CA ILE A 257 -35.68 10.34 6.35
C ILE A 257 -36.11 8.89 6.11
N LEU A 258 -35.16 7.95 6.08
CA LEU A 258 -35.46 6.54 5.93
C LEU A 258 -35.55 5.82 7.27
N ASN A 259 -35.44 6.55 8.37
CA ASN A 259 -35.68 5.98 9.67
C ASN A 259 -37.16 5.60 9.79
N PRO A 260 -37.49 4.57 10.57
CA PRO A 260 -38.90 4.23 10.76
C PRO A 260 -39.71 5.36 11.39
N LEU A 261 -39.07 6.22 12.18
CA LEU A 261 -39.81 7.25 12.92
C LEU A 261 -40.51 8.27 12.02
N PRO A 262 -39.91 8.83 10.98
CA PRO A 262 -40.69 9.74 10.11
C PRO A 262 -41.92 9.08 9.50
N THR A 263 -41.79 7.84 9.02
CA THR A 263 -42.92 7.15 8.42
C THR A 263 -44.01 6.90 9.46
N LEU A 264 -43.61 6.47 10.66
CA LEU A 264 -44.58 6.24 11.73
C LEU A 264 -45.25 7.54 12.13
N PHE A 265 -44.49 8.63 12.18
CA PHE A 265 -45.04 9.94 12.52
C PHE A 265 -46.11 10.36 11.52
N VAL A 266 -45.79 10.28 10.22
CA VAL A 266 -46.74 10.67 9.19
C VAL A 266 -47.97 9.76 9.23
N LEU A 267 -47.76 8.46 9.41
CA LEU A 267 -48.88 7.53 9.46
C LEU A 267 -49.78 7.81 10.66
N ILE A 268 -49.20 8.08 11.82
CA ILE A 268 -49.99 8.33 13.03
C ILE A 268 -50.80 9.61 12.88
N TRP A 269 -50.18 10.67 12.36
CA TRP A 269 -50.92 11.92 12.19
C TRP A 269 -51.99 11.79 11.11
N SER A 270 -51.71 11.03 10.06
CA SER A 270 -52.73 10.77 9.05
C SER A 270 -53.90 9.98 9.64
N GLY A 271 -53.61 9.01 10.49
CA GLY A 271 -54.68 8.26 11.14
C GLY A 271 -55.52 9.13 12.06
N TYR A 272 -54.88 10.02 12.81
CA TYR A 272 -55.64 10.96 13.62
C TYR A 272 -56.52 11.85 12.76
N GLY A 273 -55.98 12.34 11.63
CA GLY A 273 -56.79 13.14 10.73
C GLY A 273 -57.97 12.38 10.17
N LEU A 274 -57.76 11.10 9.83
CA LEU A 274 -58.84 10.28 9.32
C LEU A 274 -59.92 10.05 10.38
N LEU A 275 -59.50 9.85 11.64
CA LEU A 275 -60.47 9.74 12.72
C LEU A 275 -61.26 11.03 12.88
N HIS A 276 -60.57 12.17 12.76
CA HIS A 276 -61.27 13.46 12.83
C HIS A 276 -62.22 13.64 11.66
N TYR A 277 -61.90 13.10 10.49
CA TYR A 277 -62.76 13.19 9.32
C TYR A 277 -63.81 12.09 9.28
N GLY A 278 -63.82 11.18 10.25
CA GLY A 278 -64.81 10.12 10.28
C GLY A 278 -64.70 9.11 9.16
N SER A 279 -63.48 8.77 8.75
CA SER A 279 -63.27 7.76 7.72
C SER A 279 -62.11 6.84 8.05
N PHE A 280 -61.76 6.70 9.33
CA PHE A 280 -60.61 5.90 9.72
C PHE A 280 -60.99 4.42 9.80
N ASP A 281 -60.16 3.57 9.20
CA ASP A 281 -60.31 2.12 9.28
C ASP A 281 -59.15 1.56 10.08
N PHE A 282 -59.46 0.85 11.16
CA PHE A 282 -58.40 0.38 12.06
C PHE A 282 -57.59 -0.75 11.44
N ILE A 283 -58.26 -1.72 10.82
CA ILE A 283 -57.55 -2.87 10.26
C ILE A 283 -56.65 -2.44 9.11
N ALA A 284 -57.15 -1.58 8.24
CA ALA A 284 -56.34 -1.08 7.13
C ALA A 284 -55.15 -0.29 7.65
N TRP A 285 -55.35 0.53 8.68
CA TRP A 285 -54.24 1.30 9.26
C TRP A 285 -53.20 0.37 9.86
N VAL A 286 -53.63 -0.67 10.57
CA VAL A 286 -52.69 -1.63 11.17
C VAL A 286 -51.90 -2.34 10.09
N ALA A 287 -52.58 -2.77 9.02
CA ALA A 287 -51.89 -3.47 7.95
C ALA A 287 -50.92 -2.54 7.22
N VAL A 288 -51.27 -1.26 7.07
CA VAL A 288 -50.34 -0.30 6.48
C VAL A 288 -49.13 -0.10 7.38
N LEU A 289 -49.35 -0.02 8.71
CA LEU A 289 -48.24 0.12 9.64
C LEU A 289 -47.30 -1.07 9.56
N LEU A 290 -47.85 -2.28 9.50
CA LEU A 290 -47.00 -3.47 9.38
C LEU A 290 -46.28 -3.49 8.03
N LEU A 291 -46.97 -3.12 6.96
CA LEU A 291 -46.43 -3.19 5.61
C LEU A 291 -45.69 -1.92 5.20
N GLY A 292 -45.70 -0.88 6.04
CA GLY A 292 -45.08 0.38 5.65
C GLY A 292 -43.56 0.36 5.70
N SER A 293 -42.97 -0.70 6.24
CA SER A 293 -41.52 -0.78 6.31
C SER A 293 -40.90 -1.02 4.94
N GLY A 294 -41.69 -1.44 3.95
CA GLY A 294 -41.13 -1.80 2.66
C GLY A 294 -40.82 -0.62 1.76
N MET A 295 -41.44 0.53 2.00
CA MET A 295 -41.24 1.67 1.10
C MET A 295 -39.97 2.44 1.42
N ALA A 296 -39.89 3.00 2.64
CA ALA A 296 -38.78 3.86 3.01
C ALA A 296 -37.74 3.20 3.88
N GLU A 297 -38.10 2.19 4.67
CA GLU A 297 -37.09 1.49 5.48
C GLU A 297 -36.31 0.46 4.66
N ALA A 298 -36.74 0.16 3.44
CA ALA A 298 -36.00 -0.75 2.57
C ALA A 298 -34.78 -0.07 1.95
N VAL A 299 -34.86 1.23 1.69
CA VAL A 299 -33.74 1.96 1.12
C VAL A 299 -32.69 2.31 2.18
N MET A 300 -33.05 2.18 3.45
CA MET A 300 -32.14 2.58 4.54
C MET A 300 -30.82 1.80 4.53
N PRO A 301 -30.80 0.46 4.43
CA PRO A 301 -29.51 -0.23 4.39
C PRO A 301 -28.63 0.17 3.22
N MET A 302 -29.22 0.44 2.06
CA MET A 302 -28.43 0.87 0.92
C MET A 302 -27.80 2.23 1.17
N MET A 303 -28.54 3.15 1.77
CA MET A 303 -27.98 4.46 2.07
C MET A 303 -26.97 4.42 3.21
N MET A 304 -26.99 3.36 4.04
CA MET A 304 -25.89 3.19 4.99
C MET A 304 -24.56 2.90 4.33
N LEU A 305 -24.55 2.39 3.09
CA LEU A 305 -23.31 2.09 2.38
C LEU A 305 -23.13 2.92 1.13
N ASN A 306 -24.03 3.86 0.86
CA ASN A 306 -23.91 4.70 -0.33
C ASN A 306 -22.56 5.42 -0.40
N ASN A 307 -22.06 5.91 0.75
CA ASN A 307 -20.79 6.64 0.72
C ASN A 307 -19.62 5.72 0.37
N LEU A 308 -19.57 4.53 0.97
CA LEU A 308 -18.53 3.57 0.61
C LEU A 308 -18.69 3.12 -0.83
N VAL A 309 -19.93 3.08 -1.34
CA VAL A 309 -20.15 2.75 -2.74
C VAL A 309 -19.61 3.86 -3.65
N ALA A 310 -19.73 5.11 -3.22
CA ALA A 310 -19.14 6.21 -3.99
C ALA A 310 -17.62 6.11 -4.00
N GLN A 311 -17.03 5.78 -2.86
CA GLN A 311 -15.58 5.55 -2.83
C GLN A 311 -15.19 4.40 -3.74
N THR A 312 -15.98 3.32 -3.74
CA THR A 312 -15.75 2.21 -4.65
C THR A 312 -15.88 2.64 -6.10
N ARG A 313 -16.82 3.54 -6.39
CA ARG A 313 -16.97 4.05 -7.74
C ARG A 313 -15.73 4.81 -8.19
N LEU A 314 -15.18 5.65 -7.31
CA LEU A 314 -13.95 6.37 -7.64
C LEU A 314 -12.79 5.40 -7.85
N SER A 315 -12.67 4.39 -6.98
CA SER A 315 -11.60 3.41 -7.13
C SER A 315 -11.77 2.61 -8.43
N ILE A 316 -13.02 2.32 -8.80
CA ILE A 316 -13.31 1.61 -10.05
C ILE A 316 -12.90 2.47 -11.24
N GLN A 317 -13.22 3.76 -11.20
CA GLN A 317 -12.81 4.65 -12.27
C GLN A 317 -11.29 4.67 -12.41
N ARG A 318 -10.59 4.71 -11.28
CA ARG A 318 -9.12 4.67 -11.33
C ARG A 318 -8.63 3.35 -11.91
N ILE A 319 -9.25 2.23 -11.51
CA ILE A 319 -8.82 0.91 -11.99
C ILE A 319 -8.98 0.83 -13.51
N TYR A 320 -10.14 1.26 -14.02
CA TYR A 320 -10.38 1.20 -15.45
C TYR A 320 -9.58 2.23 -16.21
N GLN A 321 -9.17 3.32 -15.56
CA GLN A 321 -8.22 4.24 -16.18
C GLN A 321 -6.85 3.59 -16.31
N VAL A 322 -6.44 2.83 -15.31
CA VAL A 322 -5.16 2.12 -15.37
C VAL A 322 -5.18 1.08 -16.50
N LEU A 323 -6.27 0.33 -16.61
CA LEU A 323 -6.38 -0.69 -17.64
C LEU A 323 -6.55 -0.10 -19.04
N ALA A 324 -6.77 1.21 -19.16
CA ALA A 324 -6.95 1.86 -20.45
C ALA A 324 -5.68 2.53 -20.95
N MET A 325 -4.52 2.10 -20.43
CA MET A 325 -3.25 2.66 -20.86
C MET A 325 -2.72 1.91 -22.08
N PRO A 326 -2.13 2.62 -23.04
CA PRO A 326 -1.61 1.96 -24.24
C PRO A 326 -0.46 1.01 -23.91
N GLU A 327 -0.36 -0.06 -24.68
CA GLU A 327 0.73 -1.03 -24.55
C GLU A 327 1.80 -0.74 -25.59
N LEU A 328 2.83 -1.58 -25.61
CA LEU A 328 4.01 -1.34 -26.43
C LEU A 328 3.91 -1.98 -27.81
N SER A 329 2.78 -1.76 -28.49
CA SER A 329 2.57 -2.10 -29.90
C SER A 329 3.11 -3.49 -30.25
N LEU A 330 2.54 -4.50 -29.61
CA LEU A 330 2.96 -5.87 -29.86
C LEU A 330 2.54 -6.29 -31.27
N PRO A 331 3.40 -7.02 -32.00
CA PRO A 331 3.05 -7.45 -33.35
C PRO A 331 2.34 -8.80 -33.37
N GLN A 332 2.06 -9.32 -34.56
CA GLN A 332 1.47 -10.64 -34.72
C GLN A 332 2.23 -11.53 -35.69
N SER A 333 3.20 -11.01 -36.44
CA SER A 333 3.94 -11.84 -37.39
C SER A 333 4.79 -12.88 -36.67
N ASP A 334 5.39 -12.50 -35.54
CA ASP A 334 6.21 -13.40 -34.72
C ASP A 334 7.42 -13.92 -35.50
N GLN A 335 8.21 -12.98 -36.00
CA GLN A 335 9.47 -13.31 -36.66
C GLN A 335 10.55 -13.58 -35.61
N GLN A 336 11.50 -14.44 -35.97
CA GLN A 336 12.53 -14.88 -35.05
C GLN A 336 13.90 -14.37 -35.49
N PRO A 337 14.80 -14.11 -34.54
CA PRO A 337 16.20 -13.84 -34.90
C PRO A 337 16.96 -15.11 -35.23
N GLN A 338 17.90 -14.99 -36.16
CA GLN A 338 18.74 -16.11 -36.59
C GLN A 338 20.23 -15.79 -36.59
N GLU A 339 20.64 -14.63 -36.11
CA GLU A 339 22.05 -14.24 -36.17
C GLU A 339 22.65 -13.82 -34.85
N ALA A 340 21.85 -13.42 -33.86
CA ALA A 340 22.36 -12.91 -32.58
C ALA A 340 23.30 -11.74 -32.77
N SER A 341 23.04 -10.92 -33.79
CA SER A 341 23.84 -9.74 -34.09
C SER A 341 22.97 -8.50 -33.94
N ILE A 342 23.56 -7.45 -33.39
CA ILE A 342 22.84 -6.23 -33.03
C ILE A 342 23.09 -5.16 -34.08
N THR A 343 22.05 -4.37 -34.37
CA THR A 343 22.19 -3.30 -35.34
C THR A 343 21.35 -2.11 -34.91
N PHE A 344 21.97 -0.94 -34.84
CA PHE A 344 21.31 0.33 -34.62
C PHE A 344 21.39 1.14 -35.91
N GLU A 345 20.24 1.53 -36.44
CA GLU A 345 20.17 2.20 -37.75
C GLU A 345 19.54 3.57 -37.54
N GLN A 346 20.41 4.60 -37.41
CA GLN A 346 19.99 6.00 -37.31
C GLN A 346 18.94 6.20 -36.22
N VAL A 347 19.16 5.56 -35.08
CA VAL A 347 18.16 5.56 -34.01
C VAL A 347 18.26 6.86 -33.22
N SER A 348 17.11 7.49 -32.98
CA SER A 348 17.01 8.64 -32.10
C SER A 348 15.88 8.38 -31.11
N PHE A 349 16.12 8.73 -29.85
CA PHE A 349 15.15 8.44 -28.80
C PHE A 349 15.04 9.63 -27.86
N HIS A 350 13.79 9.98 -27.52
CA HIS A 350 13.49 10.97 -26.50
C HIS A 350 12.65 10.31 -25.42
N TYR A 351 13.04 10.49 -24.17
CA TYR A 351 12.29 9.95 -23.05
C TYR A 351 10.93 10.65 -22.95
N PRO A 352 9.96 10.03 -22.29
CA PRO A 352 8.65 10.68 -22.13
C PRO A 352 8.72 12.07 -21.53
N GLN A 353 9.62 12.28 -20.57
CA GLN A 353 9.90 13.62 -20.09
C GLN A 353 10.57 14.44 -21.20
N ALA A 354 10.05 15.63 -21.47
CA ALA A 354 10.48 16.43 -22.62
C ALA A 354 11.84 17.07 -22.32
N ARG A 355 12.86 16.22 -22.26
CA ARG A 355 14.22 16.70 -22.07
C ARG A 355 14.73 17.39 -23.33
N THR A 356 15.54 18.42 -23.14
CA THR A 356 16.11 19.13 -24.26
C THR A 356 17.13 18.26 -24.99
N GLY A 357 17.39 18.60 -26.24
CA GLY A 357 18.25 17.75 -27.06
C GLY A 357 17.61 16.39 -27.25
N ALA A 358 18.40 15.35 -27.05
CA ALA A 358 17.90 13.98 -27.16
C ALA A 358 18.83 13.05 -26.41
N ALA A 359 18.28 11.92 -25.95
CA ALA A 359 19.10 10.88 -25.36
C ALA A 359 20.04 10.28 -26.41
N LEU A 360 19.53 10.06 -27.62
CA LEU A 360 20.32 9.58 -28.75
C LEU A 360 19.94 10.39 -29.99
N GLN A 361 20.93 10.80 -30.77
CA GLN A 361 20.67 11.67 -31.90
C GLN A 361 20.68 10.92 -33.23
N GLU A 362 21.80 10.30 -33.60
CA GLU A 362 21.91 9.52 -34.84
C GLU A 362 22.72 8.26 -34.61
N VAL A 363 22.44 7.54 -33.53
CA VAL A 363 23.23 6.36 -33.19
C VAL A 363 23.01 5.28 -34.24
N SER A 364 24.11 4.70 -34.72
CA SER A 364 24.05 3.65 -35.73
C SER A 364 25.34 2.83 -35.67
N PHE A 365 25.22 1.55 -35.35
CA PHE A 365 26.38 0.68 -35.24
C PHE A 365 25.95 -0.77 -35.38
N HIS A 366 26.84 -1.59 -35.92
CA HIS A 366 26.59 -3.02 -36.09
C HIS A 366 27.57 -3.81 -35.23
N VAL A 367 27.03 -4.69 -34.39
CA VAL A 367 27.80 -5.61 -33.56
C VAL A 367 27.50 -7.03 -34.05
N PRO A 368 28.39 -7.64 -34.84
CA PRO A 368 28.18 -9.04 -35.21
C PRO A 368 28.28 -9.96 -34.00
N ALA A 369 27.68 -11.15 -34.11
CA ALA A 369 27.67 -12.11 -32.99
C ALA A 369 29.08 -12.45 -32.53
N GLY A 370 29.23 -12.77 -31.25
CA GLY A 370 30.54 -13.19 -30.71
C GLY A 370 31.46 -12.06 -30.40
N GLN A 371 30.97 -10.81 -30.43
CA GLN A 371 31.90 -9.67 -30.24
C GLN A 371 31.82 -9.12 -28.81
N ILE A 372 32.96 -8.84 -28.17
CA ILE A 372 33.03 -8.20 -26.83
C ILE A 372 33.07 -6.69 -27.05
N VAL A 373 31.92 -6.08 -27.29
CA VAL A 373 31.71 -4.66 -27.48
C VAL A 373 31.66 -3.99 -26.11
N ALA A 374 32.44 -2.93 -25.95
CA ALA A 374 32.56 -2.23 -24.68
C ALA A 374 32.11 -0.78 -24.87
N LEU A 375 31.19 -0.33 -24.03
CA LEU A 375 30.58 0.97 -24.16
C LEU A 375 31.19 1.91 -23.13
N VAL A 376 31.72 3.04 -23.59
CA VAL A 376 32.40 4.00 -22.73
C VAL A 376 31.86 5.40 -23.01
N GLY A 377 32.23 6.33 -22.13
CA GLY A 377 31.81 7.70 -22.25
C GLY A 377 31.54 8.31 -20.89
N PRO A 378 31.35 9.63 -20.85
CA PRO A 378 31.04 10.30 -19.59
C PRO A 378 29.62 9.99 -19.14
N SER A 379 29.33 10.36 -17.89
CA SER A 379 28.01 10.13 -17.32
C SER A 379 26.95 10.89 -18.10
N GLY A 380 25.80 10.25 -18.30
CA GLY A 380 24.72 10.84 -19.06
C GLY A 380 24.86 10.74 -20.56
N ALA A 381 25.86 10.00 -21.05
CA ALA A 381 26.05 9.88 -22.49
C ALA A 381 24.90 9.13 -23.15
N GLY A 382 24.42 8.07 -22.53
CA GLY A 382 23.34 7.30 -23.10
C GLY A 382 23.64 5.83 -23.29
N LYS A 383 24.60 5.31 -22.53
CA LYS A 383 24.91 3.89 -22.58
C LYS A 383 23.76 3.06 -22.03
N SER A 384 23.27 3.43 -20.85
CA SER A 384 22.09 2.78 -20.30
C SER A 384 20.88 2.99 -21.20
N THR A 385 20.85 4.12 -21.93
CA THR A 385 19.74 4.36 -22.85
C THR A 385 19.73 3.35 -23.99
N VAL A 386 20.90 3.10 -24.62
CA VAL A 386 20.94 2.13 -25.69
C VAL A 386 20.70 0.73 -25.15
N ALA A 387 21.18 0.44 -23.93
CA ALA A 387 20.91 -0.86 -23.33
C ALA A 387 19.42 -1.07 -23.12
N ARG A 388 18.73 -0.04 -22.60
CA ARG A 388 17.29 -0.14 -22.38
C ARG A 388 16.53 -0.26 -23.70
N LEU A 389 16.95 0.48 -24.72
CA LEU A 389 16.32 0.36 -26.03
C LEU A 389 16.50 -1.04 -26.60
N LEU A 390 17.67 -1.65 -26.37
CA LEU A 390 17.84 -3.05 -26.72
C LEU A 390 16.90 -3.95 -25.92
N LEU A 391 16.65 -3.60 -24.67
CA LEU A 391 15.71 -4.35 -23.82
C LEU A 391 14.25 -4.00 -24.10
N ARG A 392 13.98 -3.24 -25.16
CA ARG A 392 12.63 -2.80 -25.50
C ARG A 392 11.98 -2.03 -24.34
N TYR A 393 12.76 -1.16 -23.72
CA TYR A 393 12.20 -0.25 -22.70
C TYR A 393 11.22 0.71 -23.33
N ALA A 394 11.49 1.17 -24.55
CA ALA A 394 10.59 2.02 -25.30
C ALA A 394 10.84 1.78 -26.78
N ASP A 395 10.24 2.63 -27.62
CA ASP A 395 10.45 2.54 -29.04
C ASP A 395 11.22 3.76 -29.55
N PRO A 396 12.16 3.57 -30.46
CA PRO A 396 12.94 4.71 -30.96
C PRO A 396 12.06 5.68 -31.74
N ASP A 397 12.35 6.97 -31.58
CA ASP A 397 11.65 7.98 -32.37
C ASP A 397 12.02 7.86 -33.84
N LYS A 398 13.28 7.61 -34.14
CA LYS A 398 13.77 7.40 -35.49
C LYS A 398 14.66 6.16 -35.51
N GLY A 399 14.97 5.69 -36.72
CA GLY A 399 15.86 4.56 -36.86
C GLY A 399 15.20 3.25 -36.45
N HIS A 400 16.04 2.21 -36.38
CA HIS A 400 15.57 0.88 -36.02
C HIS A 400 16.63 0.14 -35.22
N ILE A 401 16.19 -0.64 -34.23
CA ILE A 401 17.05 -1.55 -33.49
C ILE A 401 16.69 -2.97 -33.91
N ARG A 402 17.69 -3.72 -34.36
CA ARG A 402 17.48 -5.06 -34.87
C ARG A 402 18.40 -6.05 -34.17
N ILE A 403 17.90 -7.26 -33.94
CA ILE A 403 18.69 -8.36 -33.41
C ILE A 403 18.59 -9.49 -34.41
N GLY A 404 19.70 -9.85 -35.05
CA GLY A 404 19.70 -10.87 -36.07
C GLY A 404 18.92 -10.50 -37.32
N GLY A 405 18.98 -9.23 -37.71
CA GLY A 405 18.33 -8.79 -38.93
C GLY A 405 16.88 -8.38 -38.77
N VAL A 406 16.18 -9.01 -37.84
CA VAL A 406 14.77 -8.72 -37.61
C VAL A 406 14.63 -7.63 -36.55
N ASP A 407 13.72 -6.70 -36.81
CA ASP A 407 13.50 -5.56 -35.91
C ASP A 407 12.94 -6.03 -34.58
N LEU A 408 13.24 -5.25 -33.53
CA LEU A 408 12.66 -5.52 -32.22
C LEU A 408 11.14 -5.33 -32.24
N ARG A 409 10.66 -4.35 -33.00
CA ARG A 409 9.23 -4.15 -33.13
C ARG A 409 8.55 -5.36 -33.74
N ASP A 410 9.24 -6.07 -34.64
CA ASP A 410 8.71 -7.29 -35.24
C ASP A 410 9.13 -8.53 -34.45
N MET A 411 8.90 -8.50 -33.14
CA MET A 411 9.19 -9.63 -32.27
C MET A 411 8.12 -9.72 -31.19
N GLN A 412 7.83 -10.94 -30.77
CA GLN A 412 7.05 -11.12 -29.56
C GLN A 412 7.93 -10.79 -28.34
N THR A 413 7.27 -10.48 -27.23
CA THR A 413 8.01 -10.18 -26.01
C THR A 413 8.86 -11.36 -25.56
N ASP A 414 8.29 -12.57 -25.61
CA ASP A 414 9.06 -13.76 -25.29
C ASP A 414 10.20 -13.95 -26.29
N THR A 415 9.94 -13.74 -27.58
CA THR A 415 10.97 -13.92 -28.59
C THR A 415 12.13 -12.96 -28.37
N LEU A 416 11.84 -11.70 -28.05
CA LEU A 416 12.91 -10.74 -27.80
C LEU A 416 13.66 -11.06 -26.51
N MET A 417 12.94 -11.41 -25.44
CA MET A 417 13.62 -11.60 -24.17
C MET A 417 14.31 -12.95 -24.05
N LYS A 418 14.05 -13.90 -24.96
CA LYS A 418 14.87 -15.09 -24.99
C LYS A 418 16.25 -14.84 -25.57
N GLN A 419 16.52 -13.62 -26.04
CA GLN A 419 17.79 -13.29 -26.68
C GLN A 419 18.78 -12.63 -25.73
N LEU A 420 18.31 -11.89 -24.74
CA LEU A 420 19.15 -10.99 -23.96
C LEU A 420 19.12 -11.35 -22.48
N SER A 421 20.29 -11.54 -21.88
CA SER A 421 20.46 -11.60 -20.44
C SER A 421 21.07 -10.28 -19.99
N PHE A 422 20.34 -9.53 -19.17
CA PHE A 422 20.66 -8.14 -18.90
C PHE A 422 21.01 -7.97 -17.42
N VAL A 423 22.13 -7.31 -17.15
CA VAL A 423 22.54 -6.91 -15.81
C VAL A 423 22.33 -5.41 -15.71
N PHE A 424 21.39 -4.99 -14.85
CA PHE A 424 21.01 -3.60 -14.74
C PHE A 424 22.04 -2.82 -13.94
N GLN A 425 22.08 -1.50 -14.19
CA GLN A 425 22.94 -0.64 -13.38
C GLN A 425 22.53 -0.64 -11.92
N ASP A 426 21.22 -0.61 -11.68
CA ASP A 426 20.68 -0.73 -10.33
C ASP A 426 20.42 -2.20 -9.99
N ASN A 427 21.06 -2.68 -8.93
CA ASN A 427 20.96 -4.09 -8.55
C ASN A 427 19.72 -4.28 -7.67
N PHE A 428 18.72 -4.97 -8.22
CA PHE A 428 17.47 -5.23 -7.51
C PHE A 428 17.35 -6.71 -7.21
N LEU A 429 16.99 -7.03 -5.97
CA LEU A 429 16.72 -8.40 -5.55
C LEU A 429 15.29 -8.48 -5.03
N PHE A 430 14.59 -9.56 -5.39
CA PHE A 430 13.20 -9.72 -4.98
C PHE A 430 13.09 -10.34 -3.60
N ALA A 431 13.83 -9.81 -2.63
CA ALA A 431 13.97 -10.43 -1.32
C ALA A 431 14.19 -11.93 -1.49
N ASP A 432 13.33 -12.72 -0.86
CA ASP A 432 13.29 -14.17 -1.10
C ASP A 432 14.65 -14.77 -0.72
N THR A 433 15.09 -15.76 -1.48
CA THR A 433 16.29 -16.53 -1.20
C THR A 433 17.35 -16.24 -2.26
N ILE A 434 18.61 -16.24 -1.83
CA ILE A 434 19.72 -16.05 -2.78
C ILE A 434 19.64 -17.08 -3.90
N ALA A 435 19.43 -18.35 -3.54
CA ALA A 435 19.22 -19.37 -4.55
C ALA A 435 17.99 -19.08 -5.38
N ASN A 436 16.89 -18.66 -4.72
CA ASN A 436 15.68 -18.30 -5.44
C ASN A 436 15.90 -17.09 -6.34
N ASN A 437 16.66 -16.11 -5.85
CA ASN A 437 16.94 -14.92 -6.66
C ASN A 437 17.74 -15.28 -7.90
N ILE A 438 18.75 -16.16 -7.75
CA ILE A 438 19.55 -16.56 -8.90
C ILE A 438 18.71 -17.36 -9.89
N ARG A 439 17.87 -18.27 -9.39
CA ARG A 439 17.02 -19.10 -10.24
C ARG A 439 15.70 -18.42 -10.59
N LEU A 440 15.64 -17.09 -10.48
CA LEU A 440 14.42 -16.36 -10.81
C LEU A 440 13.98 -16.64 -12.24
N GLY A 441 12.69 -16.82 -12.42
CA GLY A 441 12.15 -17.19 -13.72
C GLY A 441 12.18 -18.67 -14.03
N ALA A 442 12.71 -19.50 -13.12
CA ALA A 442 12.77 -20.94 -13.31
C ALA A 442 12.95 -21.62 -11.96
N PRO A 443 11.88 -21.77 -11.17
CA PRO A 443 12.02 -22.46 -9.88
C PRO A 443 12.45 -23.92 -10.01
N ASP A 444 12.19 -24.55 -11.15
CA ASP A 444 12.55 -25.95 -11.35
C ASP A 444 14.05 -26.14 -11.59
N THR A 445 14.81 -25.06 -11.73
CA THR A 445 16.24 -25.18 -11.98
C THR A 445 16.92 -25.85 -10.79
N PRO A 446 17.69 -26.91 -11.01
CA PRO A 446 18.38 -27.57 -9.89
C PRO A 446 19.42 -26.66 -9.25
N LEU A 447 19.68 -26.92 -7.97
CA LEU A 447 20.68 -26.14 -7.26
C LEU A 447 22.07 -26.30 -7.85
N GLU A 448 22.34 -27.39 -8.57
CA GLU A 448 23.65 -27.57 -9.19
C GLU A 448 23.90 -26.48 -10.22
N ALA A 449 22.90 -26.17 -11.06
CA ALA A 449 23.06 -25.12 -12.06
C ALA A 449 23.23 -23.76 -11.40
N VAL A 450 22.49 -23.51 -10.32
CA VAL A 450 22.62 -22.24 -9.62
C VAL A 450 24.03 -22.08 -9.04
N ILE A 451 24.56 -23.16 -8.44
CA ILE A 451 25.91 -23.12 -7.89
C ILE A 451 26.93 -22.92 -9.00
N ALA A 452 26.72 -23.57 -10.15
CA ALA A 452 27.63 -23.38 -11.28
C ALA A 452 27.62 -21.94 -11.75
N ALA A 453 26.43 -21.34 -11.87
CA ALA A 453 26.33 -19.94 -12.29
C ALA A 453 27.00 -19.02 -11.29
N ALA A 454 26.83 -19.28 -10.00
CA ALA A 454 27.50 -18.47 -8.98
C ALA A 454 29.02 -18.68 -9.02
N ARG A 455 29.48 -19.86 -9.44
CA ARG A 455 30.90 -20.10 -9.59
C ARG A 455 31.47 -19.38 -10.81
N VAL A 456 30.65 -19.18 -11.84
CA VAL A 456 31.08 -18.34 -12.97
C VAL A 456 31.36 -16.93 -12.48
N ALA A 457 30.48 -16.40 -11.64
CA ALA A 457 30.75 -15.17 -10.91
C ALA A 457 31.60 -15.51 -9.68
N GLN A 458 31.76 -14.56 -8.77
CA GLN A 458 32.50 -14.80 -7.54
C GLN A 458 31.58 -14.84 -6.31
N ALA A 459 30.30 -15.11 -6.52
CA ALA A 459 29.33 -15.08 -5.42
C ALA A 459 29.42 -16.34 -4.55
N HIS A 460 29.84 -17.47 -5.12
CA HIS A 460 29.75 -18.74 -4.42
C HIS A 460 30.55 -18.73 -3.12
N ASP A 461 31.70 -18.05 -3.12
CA ASP A 461 32.55 -18.05 -1.93
C ASP A 461 31.84 -17.42 -0.74
N PHE A 462 31.31 -16.20 -0.91
CA PHE A 462 30.66 -15.55 0.22
C PHE A 462 29.31 -16.20 0.53
N ILE A 463 28.69 -16.84 -0.47
CA ILE A 463 27.40 -17.53 -0.24
C ILE A 463 27.64 -18.73 0.68
N SER A 464 28.68 -19.52 0.40
CA SER A 464 29.02 -20.69 1.25
C SER A 464 29.38 -20.21 2.66
N ALA A 465 30.04 -19.06 2.77
CA ALA A 465 30.43 -18.51 4.09
C ALA A 465 29.19 -18.22 4.93
N LEU A 466 28.11 -17.74 4.30
CA LEU A 466 26.85 -17.43 5.03
C LEU A 466 26.34 -18.72 5.67
N PRO A 467 25.77 -18.67 6.90
CA PRO A 467 25.35 -19.89 7.60
C PRO A 467 24.26 -20.69 6.89
N GLU A 468 23.27 -20.02 6.29
CA GLU A 468 22.15 -20.73 5.60
C GLU A 468 22.57 -21.02 4.17
N GLY A 469 23.77 -20.61 3.78
CA GLY A 469 24.27 -20.86 2.42
C GLY A 469 23.38 -20.22 1.38
N TYR A 470 23.00 -20.99 0.36
CA TYR A 470 22.16 -20.45 -0.74
C TYR A 470 20.82 -19.99 -0.17
N ASN A 471 20.30 -20.72 0.82
CA ASN A 471 18.96 -20.39 1.38
C ASN A 471 19.04 -19.17 2.31
N THR A 472 20.14 -18.41 2.30
CA THR A 472 20.18 -17.20 3.12
C THR A 472 19.17 -16.17 2.62
N ARG A 473 18.42 -15.58 3.56
CA ARG A 473 17.42 -14.58 3.22
C ARG A 473 18.11 -13.24 2.94
N VAL A 474 17.52 -12.46 2.04
CA VAL A 474 17.99 -11.12 1.76
C VAL A 474 16.83 -10.13 1.88
N GLY A 475 17.16 -8.86 2.05
CA GLY A 475 16.18 -7.84 2.32
C GLY A 475 15.34 -7.48 1.11
N GLU A 476 14.46 -6.52 1.30
CA GLU A 476 13.51 -6.14 0.25
C GLU A 476 14.24 -5.69 -1.01
N ARG A 477 15.27 -4.86 -0.86
CA ARG A 477 16.12 -4.45 -1.97
C ARG A 477 17.46 -5.17 -1.95
N GLY A 478 17.59 -6.26 -1.20
CA GLY A 478 18.87 -6.87 -0.97
C GLY A 478 19.68 -6.22 0.13
N VAL A 479 19.02 -5.55 1.08
CA VAL A 479 19.73 -4.78 2.10
C VAL A 479 20.52 -5.68 3.02
N PHE A 480 20.10 -6.93 3.20
CA PHE A 480 20.85 -7.87 4.03
C PHE A 480 22.14 -8.32 3.36
N LEU A 481 22.44 -7.83 2.16
CA LEU A 481 23.58 -8.29 1.39
C LEU A 481 24.37 -7.07 0.93
N SER A 482 25.69 -7.25 0.82
CA SER A 482 26.56 -6.17 0.42
C SER A 482 26.29 -5.75 -1.03
N GLY A 483 26.63 -4.49 -1.32
CA GLY A 483 26.38 -3.97 -2.66
C GLY A 483 27.13 -4.73 -3.74
N GLY A 484 28.42 -4.98 -3.51
CA GLY A 484 29.16 -5.82 -4.43
C GLY A 484 28.63 -7.24 -4.48
N GLN A 485 28.26 -7.78 -3.31
CA GLN A 485 27.66 -9.11 -3.26
C GLN A 485 26.31 -9.12 -3.99
N ARG A 486 25.52 -8.06 -3.83
CA ARG A 486 24.24 -7.97 -4.55
C ARG A 486 24.46 -7.92 -6.06
N GLN A 487 25.44 -7.15 -6.51
CA GLN A 487 25.72 -7.09 -7.94
C GLN A 487 26.22 -8.44 -8.46
N ARG A 488 27.02 -9.14 -7.66
CA ARG A 488 27.45 -10.48 -8.05
C ARG A 488 26.26 -11.44 -8.16
N ILE A 489 25.30 -11.30 -7.25
CA ILE A 489 24.10 -12.13 -7.32
C ILE A 489 23.32 -11.84 -8.60
N THR A 490 23.19 -10.55 -8.95
CA THR A 490 22.50 -10.20 -10.19
C THR A 490 23.25 -10.76 -11.41
N ILE A 491 24.58 -10.71 -11.37
CA ILE A 491 25.38 -11.25 -12.47
C ILE A 491 25.14 -12.74 -12.60
N ALA A 492 25.13 -13.45 -11.47
CA ALA A 492 24.86 -14.89 -11.50
C ALA A 492 23.46 -15.18 -12.02
N ARG A 493 22.49 -14.36 -11.64
CA ARG A 493 21.13 -14.53 -12.14
C ARG A 493 21.07 -14.38 -13.65
N ALA A 494 21.79 -13.38 -14.18
CA ALA A 494 21.81 -13.20 -15.63
C ALA A 494 22.55 -14.34 -16.32
N LEU A 495 23.62 -14.85 -15.69
CA LEU A 495 24.42 -15.90 -16.33
C LEU A 495 23.71 -17.25 -16.32
N LEU A 496 22.85 -17.49 -15.32
CA LEU A 496 22.12 -18.75 -15.28
C LEU A 496 21.23 -18.95 -16.50
N GLN A 497 20.78 -17.86 -17.11
CA GLN A 497 19.85 -17.92 -18.27
C GLN A 497 20.48 -18.52 -19.52
N ASP A 498 21.77 -18.29 -19.74
CA ASP A 498 22.49 -18.77 -20.95
C ASP A 498 21.85 -18.25 -22.23
N ARG A 499 21.43 -17.00 -22.23
CA ARG A 499 20.81 -16.40 -23.43
C ARG A 499 21.91 -15.93 -24.37
N PRO A 500 21.70 -15.87 -25.70
CA PRO A 500 22.79 -15.56 -26.61
C PRO A 500 23.58 -14.24 -26.41
N ILE A 501 22.91 -13.11 -26.20
CA ILE A 501 23.60 -11.82 -25.94
C ILE A 501 23.52 -11.49 -24.46
N LEU A 502 24.64 -11.18 -23.84
CA LEU A 502 24.75 -10.77 -22.44
C LEU A 502 25.10 -9.28 -22.40
N VAL A 503 24.23 -8.47 -21.84
CA VAL A 503 24.45 -7.03 -21.70
C VAL A 503 24.70 -6.73 -20.23
N LEU A 504 25.77 -5.98 -19.95
CA LEU A 504 26.14 -5.60 -18.59
C LEU A 504 26.14 -4.08 -18.48
N ASP A 505 25.52 -3.55 -17.43
CA ASP A 505 25.47 -2.12 -17.16
C ASP A 505 26.26 -1.87 -15.87
N GLU A 506 27.56 -1.62 -16.02
CA GLU A 506 28.45 -1.39 -14.88
C GLU A 506 28.42 -2.57 -13.91
N ALA A 507 28.65 -3.77 -14.44
CA ALA A 507 28.57 -4.99 -13.64
C ALA A 507 29.73 -5.15 -12.67
N THR A 508 30.85 -4.46 -12.90
CA THR A 508 32.03 -4.59 -12.05
C THR A 508 32.18 -3.44 -11.08
N ALA A 509 31.14 -2.60 -10.93
CA ALA A 509 31.17 -1.58 -9.89
C ALA A 509 31.02 -2.23 -8.52
N PHE A 510 31.12 -1.41 -7.48
CA PHE A 510 30.95 -1.82 -6.09
C PHE A 510 31.87 -2.99 -5.70
N ALA A 511 32.92 -3.26 -6.47
CA ALA A 511 33.76 -4.43 -6.26
C ALA A 511 35.23 -4.03 -6.25
N ASP A 512 36.00 -4.66 -5.37
CA ASP A 512 37.43 -4.42 -5.30
C ASP A 512 38.12 -4.96 -6.54
N PRO A 513 39.32 -4.46 -6.86
CA PRO A 513 39.99 -4.90 -8.10
C PRO A 513 40.26 -6.39 -8.17
N GLU A 514 40.51 -7.07 -7.05
CA GLU A 514 40.74 -8.51 -7.10
C GLU A 514 39.49 -9.25 -7.58
N ASN A 515 38.35 -8.93 -6.98
CA ASN A 515 37.08 -9.52 -7.41
C ASN A 515 36.76 -9.13 -8.85
N GLU A 516 37.05 -7.89 -9.23
CA GLU A 516 36.80 -7.46 -10.60
C GLU A 516 37.61 -8.29 -11.59
N ALA A 517 38.91 -8.47 -11.31
CA ALA A 517 39.76 -9.24 -12.21
C ALA A 517 39.33 -10.70 -12.28
N ALA A 518 38.98 -11.28 -11.12
CA ALA A 518 38.50 -12.66 -11.13
C ALA A 518 37.22 -12.80 -11.94
N LEU A 519 36.29 -11.86 -11.78
CA LEU A 519 35.05 -11.90 -12.55
C LEU A 519 35.33 -11.75 -14.04
N ILE A 520 36.23 -10.85 -14.42
CA ILE A 520 36.55 -10.66 -15.83
C ILE A 520 37.13 -11.94 -16.42
N LYS A 521 38.10 -12.55 -15.73
CA LYS A 521 38.73 -13.73 -16.29
C LYS A 521 37.75 -14.90 -16.36
N ALA A 522 36.93 -15.09 -15.33
CA ALA A 522 35.96 -16.18 -15.35
C ALA A 522 34.90 -15.97 -16.42
N LEU A 523 34.41 -14.74 -16.58
CA LEU A 523 33.37 -14.48 -17.56
C LEU A 523 33.92 -14.56 -18.98
N ALA A 524 35.18 -14.17 -19.18
CA ALA A 524 35.82 -14.38 -20.47
C ALA A 524 35.97 -15.87 -20.77
N ALA A 525 36.23 -16.64 -19.73
CA ALA A 525 36.35 -18.09 -19.93
C ALA A 525 34.96 -18.64 -20.19
N ALA A 526 33.93 -17.89 -19.82
CA ALA A 526 32.56 -18.43 -19.94
C ALA A 526 31.83 -17.96 -21.21
N MET A 527 31.77 -16.67 -21.49
CA MET A 527 30.97 -16.21 -22.65
C MET A 527 31.85 -16.28 -23.89
N ARG A 528 32.26 -17.48 -24.30
CA ARG A 528 33.26 -17.60 -25.39
C ARG A 528 32.75 -17.10 -26.73
N GLY A 529 31.55 -17.51 -27.14
CA GLY A 529 31.12 -17.12 -28.49
C GLY A 529 29.94 -16.22 -28.36
N ARG A 530 29.59 -15.94 -27.12
CA ARG A 530 28.41 -15.10 -26.84
C ARG A 530 28.76 -13.64 -27.13
N THR A 531 27.82 -12.88 -27.70
CA THR A 531 28.05 -11.43 -27.92
C THR A 531 27.92 -10.76 -26.55
N VAL A 532 28.92 -10.00 -26.13
CA VAL A 532 28.89 -9.41 -24.78
C VAL A 532 28.87 -7.90 -24.93
N ILE A 533 27.80 -7.24 -24.47
CA ILE A 533 27.71 -5.75 -24.48
C ILE A 533 28.20 -5.31 -23.10
N MET A 534 29.11 -4.35 -23.06
CA MET A 534 29.75 -3.94 -21.82
C MET A 534 29.55 -2.44 -21.63
N VAL A 535 29.05 -2.05 -20.46
CA VAL A 535 29.06 -0.65 -20.03
C VAL A 535 29.96 -0.56 -18.82
N ALA A 536 31.02 0.23 -18.92
CA ALA A 536 32.01 0.30 -17.85
C ALA A 536 32.69 1.65 -17.86
N HIS A 537 32.84 2.23 -16.66
CA HIS A 537 33.65 3.43 -16.50
C HIS A 537 35.10 3.10 -16.18
N ARG A 538 35.36 1.90 -15.65
CA ARG A 538 36.72 1.45 -15.40
C ARG A 538 37.34 0.99 -16.72
N LEU A 539 38.21 1.82 -17.28
CA LEU A 539 38.76 1.57 -18.62
C LEU A 539 39.73 0.39 -18.64
N SER A 540 40.12 -0.15 -17.48
CA SER A 540 40.92 -1.38 -17.48
C SER A 540 40.15 -2.57 -18.04
N MET A 541 38.81 -2.51 -18.02
CA MET A 541 38.00 -3.56 -18.63
C MET A 541 38.04 -3.48 -20.15
N VAL A 542 38.09 -2.26 -20.70
CA VAL A 542 37.97 -2.08 -22.15
C VAL A 542 39.31 -2.06 -22.86
N THR A 543 40.42 -2.13 -22.13
CA THR A 543 41.73 -2.08 -22.77
C THR A 543 41.98 -3.26 -23.70
N GLN A 544 41.27 -4.37 -23.50
CA GLN A 544 41.36 -5.54 -24.37
C GLN A 544 39.94 -5.99 -24.68
N ALA A 545 39.37 -5.47 -25.76
CA ALA A 545 38.02 -5.81 -26.17
C ALA A 545 37.97 -5.81 -27.69
N ASP A 546 36.95 -6.51 -28.22
CA ASP A 546 36.83 -6.62 -29.67
C ASP A 546 36.55 -5.26 -30.31
N VAL A 547 35.71 -4.43 -29.69
CA VAL A 547 35.45 -3.10 -30.20
C VAL A 547 35.02 -2.22 -29.02
N ILE A 548 35.31 -0.93 -29.12
CA ILE A 548 34.95 0.06 -28.11
C ILE A 548 34.11 1.14 -28.78
N LEU A 549 32.94 1.42 -28.21
CA LEU A 549 32.05 2.47 -28.69
C LEU A 549 31.96 3.55 -27.63
N LEU A 550 32.25 4.78 -28.01
CA LEU A 550 32.26 5.92 -27.10
C LEU A 550 31.06 6.81 -27.39
N PHE A 551 30.29 7.11 -26.35
CA PHE A 551 29.18 8.05 -26.44
C PHE A 551 29.49 9.31 -25.66
N SER A 552 29.07 10.45 -26.22
CA SER A 552 29.23 11.74 -25.57
C SER A 552 28.04 12.61 -25.95
N ASP A 553 27.35 13.14 -24.95
CA ASP A 553 26.22 14.04 -25.14
C ASP A 553 25.14 13.43 -26.03
N GLY A 554 24.97 12.12 -25.95
CA GLY A 554 23.98 11.43 -26.74
C GLY A 554 24.39 11.06 -28.15
N GLN A 555 25.65 11.25 -28.51
CA GLN A 555 26.14 10.94 -29.85
C GLN A 555 27.24 9.90 -29.78
N LEU A 556 27.20 8.95 -30.70
CA LEU A 556 28.27 7.96 -30.83
C LEU A 556 29.44 8.63 -31.53
N ARG A 557 30.43 9.07 -30.74
CA ARG A 557 31.52 9.87 -31.27
C ARG A 557 32.63 9.05 -31.89
N GLU A 558 32.95 7.88 -31.33
CA GLU A 558 34.07 7.08 -31.79
C GLU A 558 33.69 5.61 -31.75
N MET A 559 34.40 4.82 -32.57
CA MET A 559 34.16 3.38 -32.64
C MET A 559 35.42 2.70 -33.15
N GLY A 560 35.90 1.72 -32.41
CA GLY A 560 37.09 0.99 -32.80
C GLY A 560 37.73 0.33 -31.61
N ASN A 561 38.91 -0.26 -31.86
CA ASN A 561 39.67 -0.92 -30.82
C ASN A 561 40.40 0.10 -29.94
N HIS A 562 40.98 -0.39 -28.85
CA HIS A 562 41.73 0.48 -27.96
C HIS A 562 42.88 1.15 -28.69
N THR A 563 43.64 0.38 -29.48
CA THR A 563 44.74 0.96 -30.25
C THR A 563 44.22 1.95 -31.28
N GLN A 564 43.10 1.63 -31.94
CA GLN A 564 42.56 2.51 -32.97
C GLN A 564 42.13 3.85 -32.38
N LEU A 565 41.36 3.82 -31.28
CA LEU A 565 40.91 5.06 -30.68
C LEU A 565 42.04 5.82 -30.03
N LEU A 566 43.07 5.12 -29.53
CA LEU A 566 44.23 5.80 -28.98
C LEU A 566 45.02 6.52 -30.07
N ALA A 567 45.16 5.88 -31.24
CA ALA A 567 45.87 6.52 -32.34
C ALA A 567 45.06 7.62 -32.99
N GLN A 568 43.73 7.53 -32.93
CA GLN A 568 42.89 8.56 -33.53
C GLN A 568 43.08 9.91 -32.84
N GLY A 569 43.41 9.90 -31.56
CA GLY A 569 43.62 11.14 -30.83
C GLY A 569 42.38 11.97 -30.65
N GLY A 570 41.25 11.36 -30.31
CA GLY A 570 40.02 12.08 -30.12
C GLY A 570 39.55 12.12 -28.68
N LEU A 571 38.25 11.90 -28.47
CA LEU A 571 37.69 11.96 -27.13
C LEU A 571 38.19 10.81 -26.26
N TYR A 572 38.59 9.70 -26.88
CA TYR A 572 39.04 8.54 -26.12
C TYR A 572 40.44 8.74 -25.56
N GLN A 573 41.29 9.51 -26.23
CA GLN A 573 42.67 9.69 -25.78
C GLN A 573 42.71 10.36 -24.41
N ARG A 574 41.93 11.43 -24.24
CA ARG A 574 41.93 12.14 -22.96
C ARG A 574 41.43 11.25 -21.83
N LEU A 575 40.35 10.50 -22.08
CA LEU A 575 39.80 9.62 -21.06
C LEU A 575 40.81 8.54 -20.67
N TRP A 576 41.42 7.90 -21.66
CA TRP A 576 42.38 6.85 -21.37
C TRP A 576 43.62 7.41 -20.67
N GLN A 577 44.08 8.58 -21.09
CA GLN A 577 45.24 9.19 -20.45
C GLN A 577 44.97 9.52 -19.00
N HIS A 578 43.79 10.09 -18.71
CA HIS A 578 43.44 10.38 -17.33
C HIS A 578 43.31 9.11 -16.50
N TYR A 579 42.69 8.08 -17.06
CA TYR A 579 42.55 6.81 -16.34
C TYR A 579 43.90 6.18 -16.04
N GLN A 580 44.80 6.19 -17.03
CA GLN A 580 46.12 5.59 -16.84
C GLN A 580 46.97 6.41 -15.88
N GLN A 581 46.85 7.73 -15.91
CA GLN A 581 47.56 8.56 -14.94
C GLN A 581 47.04 8.34 -13.52
N ALA A 582 45.73 8.11 -13.38
CA ALA A 582 45.18 7.81 -12.06
C ALA A 582 45.75 6.50 -11.53
N GLN A 583 45.82 5.47 -12.36
CA GLN A 583 46.36 4.18 -11.95
C GLN A 583 47.49 3.73 -12.86
N LEU B 10 -8.67 -8.49 23.78
CA LEU B 10 -9.66 -9.37 24.38
C LEU B 10 -10.66 -8.59 25.22
N ALA B 11 -10.19 -8.08 26.36
CA ALA B 11 -11.04 -7.31 27.25
C ALA B 11 -11.51 -6.03 26.56
N TRP B 12 -12.80 -5.72 26.71
CA TRP B 12 -13.36 -4.54 26.06
C TRP B 12 -12.80 -3.24 26.64
N ARG B 13 -12.31 -3.25 27.88
CA ARG B 13 -11.66 -2.08 28.44
C ARG B 13 -10.37 -1.75 27.67
N VAL B 14 -9.58 -2.78 27.35
CA VAL B 14 -8.38 -2.57 26.56
C VAL B 14 -8.73 -2.05 25.17
N ILE B 15 -9.78 -2.60 24.57
CA ILE B 15 -10.22 -2.13 23.25
C ILE B 15 -10.64 -0.66 23.33
N TRP B 16 -11.37 -0.30 24.39
CA TRP B 16 -11.80 1.09 24.56
C TRP B 16 -10.62 2.04 24.72
N ARG B 17 -9.63 1.67 25.53
CA ARG B 17 -8.49 2.55 25.72
C ARG B 17 -7.65 2.63 24.45
N GLN B 18 -7.54 1.52 23.71
CA GLN B 18 -6.86 1.56 22.41
C GLN B 18 -7.56 2.50 21.45
N LEU B 19 -8.90 2.44 21.41
CA LEU B 19 -9.65 3.33 20.51
C LEU B 19 -9.48 4.78 20.91
N ILE B 20 -9.51 5.07 22.22
CA ILE B 20 -9.33 6.44 22.68
C ILE B 20 -7.95 6.95 22.30
N SER B 21 -6.91 6.12 22.50
CA SER B 21 -5.56 6.52 22.14
C SER B 21 -5.44 6.74 20.64
N SER B 22 -6.05 5.87 19.83
CA SER B 22 -5.97 6.00 18.39
C SER B 22 -6.65 7.29 17.91
N VAL B 23 -7.81 7.62 18.47
CA VAL B 23 -8.48 8.85 18.10
C VAL B 23 -7.68 10.07 18.57
N GLY B 24 -7.08 10.02 19.75
CA GLY B 24 -6.17 11.07 20.15
C GLY B 24 -6.89 12.29 20.69
N SER B 25 -6.57 13.46 20.12
CA SER B 25 -7.15 14.71 20.60
C SER B 25 -8.65 14.77 20.40
N GLN B 26 -9.18 14.05 19.43
CA GLN B 26 -10.62 14.00 19.19
C GLN B 26 -11.33 12.95 20.05
N ALA B 27 -10.70 12.51 21.13
CA ALA B 27 -11.30 11.50 21.98
C ALA B 27 -12.58 12.01 22.65
N ARG B 28 -12.56 13.25 23.14
CA ARG B 28 -13.75 13.81 23.76
C ARG B 28 -14.87 14.00 22.74
N MET B 29 -14.53 14.40 21.51
CA MET B 29 -15.54 14.52 20.47
C MET B 29 -16.14 13.16 20.12
N LEU B 30 -15.30 12.13 20.04
CA LEU B 30 -15.81 10.78 19.78
C LEU B 30 -16.72 10.30 20.89
N ARG B 31 -16.32 10.55 22.14
CA ARG B 31 -17.16 10.15 23.28
C ARG B 31 -18.49 10.88 23.26
N ARG B 32 -18.47 12.18 22.95
CA ARG B 32 -19.71 12.95 22.88
C ARG B 32 -20.60 12.46 21.75
N SER B 33 -20.01 12.13 20.60
CA SER B 33 -20.81 11.62 19.49
C SER B 33 -21.42 10.26 19.81
N MET B 34 -20.66 9.39 20.48
CA MET B 34 -21.23 8.09 20.87
C MET B 34 -22.31 8.26 21.94
N LEU B 35 -22.15 9.22 22.85
CA LEU B 35 -23.20 9.51 23.80
C LEU B 35 -24.46 10.00 23.09
N ALA B 36 -24.29 10.85 22.08
CA ALA B 36 -25.42 11.30 21.29
C ALA B 36 -26.11 10.15 20.57
N LEU B 37 -25.32 9.23 20.01
CA LEU B 37 -25.89 8.07 19.32
C LEU B 37 -26.63 7.16 20.29
N LEU B 38 -26.08 6.95 21.48
CA LEU B 38 -26.76 6.12 22.48
C LEU B 38 -28.06 6.77 22.92
N LEU B 39 -28.04 8.09 23.14
CA LEU B 39 -29.27 8.79 23.49
C LEU B 39 -30.29 8.73 22.35
N ALA B 40 -29.82 8.80 21.10
CA ALA B 40 -30.73 8.68 19.96
C ALA B 40 -31.37 7.29 19.91
N ALA B 41 -30.58 6.24 20.17
CA ALA B 41 -31.14 4.90 20.19
C ALA B 41 -32.16 4.75 21.32
N PHE B 42 -31.85 5.28 22.50
CA PHE B 42 -32.78 5.22 23.62
C PHE B 42 -34.07 5.98 23.30
N MET B 43 -33.94 7.15 22.67
CA MET B 43 -35.12 7.96 22.37
C MET B 43 -35.94 7.32 21.24
N GLN B 44 -35.29 6.63 20.31
CA GLN B 44 -36.02 5.86 19.31
C GLN B 44 -36.79 4.72 19.95
N GLY B 45 -36.16 4.03 20.92
CA GLY B 45 -36.88 3.01 21.65
C GLY B 45 -38.07 3.57 22.41
N ILE B 46 -37.91 4.76 22.99
CA ILE B 46 -39.02 5.43 23.65
C ILE B 46 -40.12 5.76 22.66
N ALA B 47 -39.74 6.23 21.47
CA ALA B 47 -40.73 6.58 20.46
C ALA B 47 -41.55 5.36 20.04
N PHE B 48 -40.88 4.22 19.85
CA PHE B 48 -41.61 2.99 19.58
C PHE B 48 -42.55 2.65 20.73
N ALA B 49 -42.10 2.88 21.97
CA ALA B 49 -42.94 2.62 23.13
C ALA B 49 -44.18 3.49 23.14
N CYS B 50 -44.13 4.66 22.49
CA CYS B 50 -45.29 5.53 22.41
C CYS B 50 -46.40 4.93 21.55
N LEU B 51 -46.12 3.85 20.81
CA LEU B 51 -47.16 3.22 20.01
C LEU B 51 -48.24 2.59 20.89
N TYR B 52 -47.85 1.99 22.01
CA TYR B 52 -48.80 1.29 22.88
C TYR B 52 -50.02 2.12 23.23
N PRO B 53 -49.90 3.38 23.69
CA PRO B 53 -51.11 4.18 23.85
C PRO B 53 -51.72 4.61 22.53
N ILE B 54 -50.88 4.83 21.50
CA ILE B 54 -51.38 5.29 20.21
C ILE B 54 -52.26 4.22 19.57
N ILE B 55 -51.80 2.96 19.58
CA ILE B 55 -52.62 1.88 19.06
C ILE B 55 -53.83 1.65 19.96
N ASP B 56 -53.64 1.78 21.27
CA ASP B 56 -54.77 1.71 22.19
C ASP B 56 -55.74 2.87 21.97
N ALA B 57 -55.20 4.03 21.59
CA ALA B 57 -56.06 5.15 21.18
C ALA B 57 -56.89 4.77 19.96
N LEU B 58 -56.27 4.09 19.00
CA LEU B 58 -57.02 3.52 17.90
C LEU B 58 -57.82 2.32 18.39
N LEU B 59 -58.72 1.83 17.54
CA LEU B 59 -59.64 0.73 17.87
C LEU B 59 -60.66 1.18 18.89
N ARG B 60 -60.51 2.41 19.41
CA ARG B 60 -61.38 2.94 20.44
C ARG B 60 -61.88 4.33 20.03
N GLY B 61 -61.06 5.05 19.26
CA GLY B 61 -61.42 6.36 18.78
C GLY B 61 -61.25 7.49 19.76
N ASP B 62 -60.49 7.29 20.84
CA ASP B 62 -60.29 8.33 21.85
C ASP B 62 -59.30 9.35 21.30
N ALA B 63 -59.84 10.29 20.53
CA ALA B 63 -59.01 11.29 19.87
C ALA B 63 -58.20 12.18 20.82
N PRO B 64 -58.75 12.69 21.95
CA PRO B 64 -57.95 13.58 22.80
C PRO B 64 -56.61 13.01 23.22
N GLN B 65 -56.61 11.87 23.90
CA GLN B 65 -55.34 11.28 24.31
C GLN B 65 -54.59 10.63 23.15
N LEU B 66 -55.27 10.34 22.03
CA LEU B 66 -54.56 10.00 20.81
C LEU B 66 -53.63 11.13 20.38
N LEU B 67 -54.14 12.36 20.35
CA LEU B 67 -53.31 13.52 20.04
C LEU B 67 -52.27 13.75 21.13
N ASN B 68 -52.66 13.53 22.39
CA ASN B 68 -51.74 13.75 23.51
C ASN B 68 -50.51 12.85 23.39
N TRP B 69 -50.71 11.59 23.01
CA TRP B 69 -49.60 10.67 22.84
C TRP B 69 -48.91 10.80 21.48
N ALA B 70 -49.63 11.25 20.46
CA ALA B 70 -49.01 11.53 19.17
C ALA B 70 -48.04 12.70 19.25
N MET B 71 -48.35 13.72 20.04
CA MET B 71 -47.39 14.80 20.26
C MET B 71 -46.13 14.28 20.93
N ALA B 72 -46.28 13.40 21.93
CA ALA B 72 -45.13 12.81 22.58
C ALA B 72 -44.30 11.99 21.59
N PHE B 73 -44.97 11.21 20.75
CA PHE B 73 -44.24 10.45 19.73
C PHE B 73 -43.51 11.38 18.77
N SER B 74 -44.15 12.47 18.36
CA SER B 74 -43.53 13.41 17.43
C SER B 74 -42.30 14.05 18.04
N VAL B 75 -42.38 14.50 19.30
CA VAL B 75 -41.22 15.12 19.92
C VAL B 75 -40.13 14.09 20.15
N ALA B 76 -40.49 12.85 20.49
CA ALA B 76 -39.48 11.81 20.64
C ALA B 76 -38.76 11.55 19.32
N ALA B 77 -39.51 11.50 18.21
CA ALA B 77 -38.89 11.31 16.91
C ALA B 77 -37.99 12.49 16.55
N ILE B 78 -38.41 13.71 16.89
CA ILE B 78 -37.60 14.89 16.58
C ILE B 78 -36.28 14.84 17.35
N VAL B 79 -36.35 14.51 18.65
CA VAL B 79 -35.12 14.41 19.44
C VAL B 79 -34.23 13.30 18.90
N THR B 80 -34.83 12.15 18.54
CA THR B 80 -34.03 11.06 17.98
C THR B 80 -33.32 11.48 16.70
N LEU B 81 -34.05 12.15 15.81
CA LEU B 81 -33.47 12.57 14.54
C LEU B 81 -32.34 13.56 14.74
N VAL B 82 -32.55 14.56 15.59
CA VAL B 82 -31.51 15.57 15.79
C VAL B 82 -30.31 14.96 16.50
N LEU B 83 -30.55 14.05 17.45
CA LEU B 83 -29.44 13.40 18.15
C LEU B 83 -28.61 12.56 17.20
N ARG B 84 -29.26 11.78 16.33
CA ARG B 84 -28.51 11.00 15.36
C ARG B 84 -27.77 11.88 14.37
N TRP B 85 -28.41 12.97 13.94
CA TRP B 85 -27.75 13.89 13.01
C TRP B 85 -26.49 14.49 13.63
N TYR B 86 -26.57 14.88 14.90
CA TYR B 86 -25.40 15.48 15.55
C TYR B 86 -24.34 14.44 15.86
N GLY B 87 -24.74 13.23 16.27
CA GLY B 87 -23.79 12.19 16.60
C GLY B 87 -23.09 11.60 15.40
N LEU B 88 -23.71 11.65 14.23
CA LEU B 88 -23.05 11.21 13.00
C LEU B 88 -22.15 12.27 12.40
N GLY B 89 -22.10 13.46 12.99
CA GLY B 89 -21.25 14.52 12.48
C GLY B 89 -19.77 14.25 12.66
N PHE B 90 -19.41 13.35 13.57
CA PHE B 90 -18.00 12.99 13.75
C PHE B 90 -17.39 12.50 12.44
N GLU B 91 -18.17 11.81 11.62
CA GLU B 91 -17.68 11.34 10.33
C GLU B 91 -17.62 12.46 9.29
N TYR B 92 -18.55 13.42 9.34
CA TYR B 92 -18.72 14.38 8.26
C TYR B 92 -18.32 15.81 8.62
N ARG B 93 -17.97 16.09 9.88
CA ARG B 93 -17.54 17.43 10.28
C ARG B 93 -16.03 17.54 10.40
N GLY B 94 -15.28 16.57 9.86
CA GLY B 94 -13.84 16.63 9.85
C GLY B 94 -13.15 16.03 11.04
N HIS B 95 -13.89 15.60 12.06
CA HIS B 95 -13.26 15.00 13.23
C HIS B 95 -12.62 13.66 12.89
N LEU B 96 -13.30 12.84 12.09
CA LEU B 96 -12.71 11.58 11.66
C LEU B 96 -11.46 11.80 10.82
N ALA B 97 -11.51 12.78 9.91
CA ALA B 97 -10.35 13.09 9.08
C ALA B 97 -9.20 13.61 9.93
N GLN B 98 -9.50 14.46 10.92
CA GLN B 98 -8.45 14.96 11.80
C GLN B 98 -7.83 13.84 12.62
N ALA B 99 -8.66 12.92 13.13
CA ALA B 99 -8.12 11.78 13.88
C ALA B 99 -7.25 10.91 12.99
N THR B 100 -7.68 10.67 11.75
CA THR B 100 -6.88 9.89 10.83
C THR B 100 -5.55 10.58 10.53
N HIS B 101 -5.57 11.90 10.34
CA HIS B 101 -4.34 12.64 10.08
C HIS B 101 -3.39 12.56 11.26
N GLU B 102 -3.92 12.71 12.48
CA GLU B 102 -3.07 12.64 13.66
C GLU B 102 -2.50 11.24 13.86
N LEU B 103 -3.30 10.20 13.59
CA LEU B 103 -2.79 8.84 13.70
C LEU B 103 -1.70 8.57 12.67
N ARG B 104 -1.89 9.07 11.43
CA ARG B 104 -0.86 8.91 10.42
C ARG B 104 0.42 9.65 10.82
N LEU B 105 0.28 10.85 11.38
CA LEU B 105 1.46 11.60 11.82
C LEU B 105 2.18 10.88 12.95
N ARG B 106 1.43 10.33 13.91
CA ARG B 106 2.05 9.59 15.00
C ARG B 106 2.77 8.34 14.50
N LEU B 107 2.14 7.61 13.58
CA LEU B 107 2.76 6.41 13.04
C LEU B 107 4.00 6.75 12.21
N GLY B 108 3.93 7.85 11.45
CA GLY B 108 5.10 8.26 10.68
C GLY B 108 6.28 8.64 11.55
N GLU B 109 6.01 9.30 12.67
CA GLU B 109 7.09 9.65 13.60
C GLU B 109 7.72 8.40 14.19
N GLN B 110 6.91 7.38 14.47
CA GLN B 110 7.45 6.13 14.99
C GLN B 110 8.43 5.50 14.01
N LEU B 111 8.14 5.60 12.71
CA LEU B 111 9.08 5.14 11.70
C LEU B 111 10.42 5.85 11.82
N ARG B 112 10.38 7.14 12.20
CA ARG B 112 11.60 7.92 12.36
C ARG B 112 12.41 7.51 13.59
N ARG B 113 11.80 6.81 14.54
CA ARG B 113 12.45 6.49 15.81
C ARG B 113 12.76 5.02 16.00
N VAL B 114 12.12 4.13 15.25
CA VAL B 114 12.37 2.69 15.38
C VAL B 114 13.81 2.40 14.97
N PRO B 115 14.47 1.40 15.57
CA PRO B 115 15.83 1.06 15.14
C PRO B 115 15.85 0.71 13.66
N LEU B 116 16.87 1.20 12.95
CA LEU B 116 16.92 1.04 11.51
C LEU B 116 17.17 -0.41 11.12
N GLU B 117 17.93 -1.15 11.93
CA GLU B 117 18.18 -2.56 11.63
C GLU B 117 16.89 -3.35 11.61
N LYS B 118 16.08 -3.21 12.66
CA LYS B 118 14.82 -3.95 12.73
C LYS B 118 13.86 -3.50 11.64
N LEU B 119 13.86 -2.21 11.32
CA LEU B 119 13.01 -1.70 10.24
C LEU B 119 13.39 -2.33 8.90
N GLN B 120 14.69 -2.44 8.63
CA GLN B 120 15.14 -3.05 7.39
C GLN B 120 14.86 -4.54 7.32
N ARG B 121 14.49 -5.17 8.44
CA ARG B 121 14.09 -6.57 8.43
C ARG B 121 12.71 -6.79 7.84
N GLY B 122 11.92 -5.74 7.66
CA GLY B 122 10.59 -5.81 7.11
C GLY B 122 10.55 -5.48 5.63
N ARG B 123 9.39 -5.00 5.19
CA ARG B 123 9.18 -4.67 3.79
C ARG B 123 8.40 -3.36 3.68
N ALA B 124 8.67 -2.60 2.63
CA ALA B 124 8.00 -1.31 2.44
C ALA B 124 6.51 -1.49 2.21
N GLY B 125 6.12 -2.50 1.43
CA GLY B 125 4.71 -2.73 1.18
C GLY B 125 3.95 -3.15 2.43
N GLU B 126 4.60 -3.95 3.29
CA GLU B 126 3.97 -4.32 4.56
C GLU B 126 3.73 -3.11 5.45
N MET B 127 4.67 -2.16 5.46
CA MET B 127 4.47 -0.95 6.24
C MET B 127 3.46 -0.01 5.59
N ASN B 128 3.33 -0.09 4.27
CA ASN B 128 2.30 0.69 3.58
C ASN B 128 0.90 0.24 3.97
N ALA B 129 0.71 -1.06 4.19
CA ALA B 129 -0.60 -1.57 4.57
C ALA B 129 -0.97 -1.21 6.00
N LEU B 130 -0.01 -0.77 6.82
CA LEU B 130 -0.27 -0.43 8.21
C LEU B 130 -0.54 1.06 8.38
N LEU B 131 0.36 1.90 7.86
CA LEU B 131 0.19 3.34 7.99
C LEU B 131 -0.96 3.87 7.14
N LEU B 132 -1.46 3.08 6.20
CA LEU B 132 -2.46 3.55 5.25
C LEU B 132 -3.74 2.73 5.31
N GLY B 133 -3.65 1.40 5.32
CA GLY B 133 -4.84 0.56 5.34
C GLY B 133 -5.31 0.23 6.74
N SER B 134 -4.39 -0.08 7.63
CA SER B 134 -4.77 -0.39 9.01
C SER B 134 -5.42 0.81 9.69
N VAL B 135 -4.98 2.02 9.35
CA VAL B 135 -5.57 3.22 9.94
C VAL B 135 -7.03 3.36 9.52
N ASP B 136 -7.32 3.17 8.23
CA ASP B 136 -8.69 3.30 7.77
C ASP B 136 -9.57 2.16 8.27
N GLU B 137 -8.99 0.97 8.43
CA GLU B 137 -9.72 -0.10 9.09
C GLU B 137 -10.00 0.23 10.56
N ASN B 138 -9.09 0.99 11.19
CA ASN B 138 -9.25 1.34 12.60
C ASN B 138 -10.32 2.40 12.79
N LEU B 139 -10.36 3.42 11.93
CA LEU B 139 -11.12 4.63 12.23
C LEU B 139 -12.34 4.86 11.34
N ASN B 140 -12.31 4.41 10.07
CA ASN B 140 -13.34 4.84 9.13
C ASN B 140 -14.72 4.25 9.42
N TYR B 141 -14.80 3.22 10.25
CA TYR B 141 -16.08 2.55 10.50
C TYR B 141 -16.49 2.59 11.96
N VAL B 142 -15.83 3.39 12.80
CA VAL B 142 -16.14 3.40 14.23
C VAL B 142 -17.53 3.99 14.46
N ILE B 143 -17.80 5.16 13.87
CA ILE B 143 -19.08 5.82 14.10
C ILE B 143 -20.23 5.01 13.51
N ALA B 144 -20.06 4.50 12.29
CA ALA B 144 -21.12 3.73 11.65
C ALA B 144 -21.45 2.47 12.44
N ILE B 145 -20.41 1.74 12.88
CA ILE B 145 -20.65 0.51 13.62
C ILE B 145 -21.26 0.81 14.98
N ALA B 146 -20.84 1.91 15.62
CA ALA B 146 -21.49 2.30 16.87
C ALA B 146 -22.97 2.58 16.66
N ASN B 147 -23.29 3.32 15.60
CA ASN B 147 -24.69 3.64 15.32
C ASN B 147 -25.50 2.37 15.06
N ILE B 148 -24.93 1.42 14.33
CA ILE B 148 -25.66 0.19 14.02
C ILE B 148 -25.88 -0.66 15.26
N LEU B 149 -24.85 -0.83 16.10
CA LEU B 149 -25.02 -1.67 17.29
C LEU B 149 -25.94 -1.01 18.31
N LEU B 150 -25.89 0.31 18.46
CA LEU B 150 -26.82 0.96 19.37
C LEU B 150 -28.26 0.84 18.88
N LEU B 151 -28.47 0.96 17.57
CA LEU B 151 -29.80 0.73 17.03
C LEU B 151 -30.24 -0.71 17.20
N THR B 152 -29.32 -1.66 17.00
CA THR B 152 -29.68 -3.07 17.01
C THR B 152 -30.12 -3.53 18.40
N ILE B 153 -29.43 -3.07 19.44
CA ILE B 153 -29.63 -3.57 20.80
C ILE B 153 -30.41 -2.59 21.67
N VAL B 154 -29.94 -1.34 21.75
CA VAL B 154 -30.47 -0.41 22.75
C VAL B 154 -31.95 -0.10 22.47
N THR B 155 -32.29 0.14 21.20
CA THR B 155 -33.68 0.49 20.88
C THR B 155 -34.65 -0.65 21.19
N PRO B 156 -34.43 -1.89 20.74
CA PRO B 156 -35.33 -2.97 21.17
C PRO B 156 -35.31 -3.21 22.67
N LEU B 157 -34.17 -3.00 23.32
CA LEU B 157 -34.11 -3.15 24.77
C LEU B 157 -35.01 -2.16 25.47
N THR B 158 -34.98 -0.89 25.04
CA THR B 158 -35.87 0.11 25.60
C THR B 158 -37.32 -0.19 25.29
N ALA B 159 -37.61 -0.65 24.07
CA ALA B 159 -38.98 -1.02 23.73
C ALA B 159 -39.50 -2.14 24.62
N SER B 160 -38.68 -3.15 24.86
CA SER B 160 -39.10 -4.26 25.72
C SER B 160 -39.22 -3.82 27.17
N LEU B 161 -38.34 -2.93 27.63
CA LEU B 161 -38.44 -2.42 28.99
C LEU B 161 -39.73 -1.64 29.20
N ALA B 162 -40.13 -0.86 28.20
CA ALA B 162 -41.42 -0.16 28.29
C ALA B 162 -42.60 -1.10 28.14
N THR B 163 -42.46 -2.15 27.34
CA THR B 163 -43.50 -3.18 27.28
C THR B 163 -43.70 -3.82 28.64
N LEU B 164 -42.60 -4.05 29.37
CA LEU B 164 -42.70 -4.55 30.74
C LEU B 164 -43.60 -3.67 31.60
N TRP B 165 -43.52 -2.34 31.42
CA TRP B 165 -44.46 -1.46 32.08
C TRP B 165 -45.88 -1.67 31.55
N ILE B 166 -46.02 -1.77 30.23
CA ILE B 166 -47.34 -1.99 29.64
C ILE B 166 -47.88 -3.37 30.03
N ASP B 167 -47.06 -4.41 29.85
CA ASP B 167 -47.46 -5.78 30.18
C ASP B 167 -46.21 -6.53 30.60
N TRP B 168 -46.19 -7.00 31.86
CA TRP B 168 -45.01 -7.67 32.37
C TRP B 168 -44.76 -8.99 31.67
N ARG B 169 -45.82 -9.69 31.25
CA ARG B 169 -45.64 -10.96 30.55
C ARG B 169 -45.06 -10.74 29.17
N LEU B 170 -45.61 -9.78 28.42
CA LEU B 170 -45.10 -9.49 27.09
C LEU B 170 -43.68 -8.92 27.16
N GLY B 171 -43.43 -8.03 28.11
CA GLY B 171 -42.12 -7.42 28.24
C GLY B 171 -41.05 -8.44 28.60
N LEU B 172 -41.37 -9.39 29.48
CA LEU B 172 -40.40 -10.39 29.88
C LEU B 172 -40.01 -11.28 28.70
N VAL B 173 -40.99 -11.72 27.93
CA VAL B 173 -40.69 -12.60 26.80
C VAL B 173 -39.97 -11.83 25.69
N MET B 174 -40.27 -10.54 25.52
CA MET B 174 -39.50 -9.73 24.58
C MET B 174 -38.06 -9.57 25.03
N LEU B 175 -37.85 -9.39 26.34
CA LEU B 175 -36.50 -9.22 26.86
C LEU B 175 -35.70 -10.52 26.82
N LEU B 176 -36.38 -11.66 26.87
CA LEU B 176 -35.71 -12.95 26.97
C LEU B 176 -34.80 -13.26 25.77
N ILE B 177 -34.88 -12.48 24.69
CA ILE B 177 -34.01 -12.74 23.55
C ILE B 177 -32.62 -12.16 23.78
N PHE B 178 -32.50 -11.03 24.47
CA PHE B 178 -31.19 -10.44 24.70
C PHE B 178 -30.23 -11.36 25.45
N PRO B 179 -30.63 -12.03 26.54
CA PRO B 179 -29.74 -13.07 27.08
C PRO B 179 -29.46 -14.20 26.11
N LEU B 180 -30.38 -14.49 25.19
CA LEU B 180 -30.18 -15.56 24.23
C LEU B 180 -29.07 -15.24 23.23
N LEU B 181 -28.84 -13.95 22.97
CA LEU B 181 -27.81 -13.57 22.00
C LEU B 181 -26.41 -13.75 22.58
N VAL B 182 -26.27 -13.70 23.91
CA VAL B 182 -24.94 -13.75 24.52
C VAL B 182 -24.21 -15.06 24.22
N PRO B 183 -24.81 -16.25 24.39
CA PRO B 183 -24.07 -17.47 24.07
C PRO B 183 -23.64 -17.55 22.61
N PHE B 184 -24.48 -17.09 21.69
CA PHE B 184 -24.11 -17.11 20.27
C PHE B 184 -22.95 -16.16 19.99
N TYR B 185 -22.98 -14.97 20.60
CA TYR B 185 -21.87 -14.03 20.42
C TYR B 185 -20.58 -14.60 20.98
N TYR B 186 -20.63 -15.21 22.16
CA TYR B 186 -19.44 -15.80 22.75
C TYR B 186 -18.92 -16.96 21.90
N TRP B 187 -19.83 -17.73 21.32
CA TRP B 187 -19.42 -18.86 20.48
C TRP B 187 -18.79 -18.38 19.18
N ARG B 188 -19.31 -17.29 18.60
CA ARG B 188 -18.82 -16.83 17.31
C ARG B 188 -17.67 -15.84 17.38
N ARG B 189 -17.40 -15.27 18.56
CA ARG B 189 -16.32 -14.29 18.65
C ARG B 189 -14.94 -14.83 18.30
N PRO B 190 -14.51 -16.01 18.79
CA PRO B 190 -13.18 -16.50 18.36
C PRO B 190 -13.05 -16.69 16.87
N ALA B 191 -14.09 -17.17 16.20
CA ALA B 191 -14.03 -17.36 14.76
C ALA B 191 -13.86 -16.03 14.04
N MET B 192 -14.62 -15.01 14.44
CA MET B 192 -14.49 -13.69 13.82
C MET B 192 -13.11 -13.10 14.10
N ARG B 193 -12.60 -13.27 15.31
CA ARG B 193 -11.28 -12.76 15.65
C ARG B 193 -10.21 -13.41 14.77
N ARG B 194 -10.25 -14.73 14.65
CA ARG B 194 -9.26 -15.43 13.83
C ARG B 194 -9.39 -15.03 12.36
N GLN B 195 -10.63 -14.90 11.87
CA GLN B 195 -10.83 -14.50 10.48
C GLN B 195 -10.28 -13.11 10.22
N MET B 196 -10.52 -12.16 11.12
CA MET B 196 -10.00 -10.81 10.95
C MET B 196 -8.48 -10.78 11.02
N GLN B 197 -7.88 -11.50 11.98
CA GLN B 197 -6.42 -11.55 12.06
C GLN B 197 -5.82 -12.15 10.79
N THR B 198 -6.40 -13.25 10.31
CA THR B 198 -5.86 -13.91 9.12
C THR B 198 -5.98 -13.02 7.90
N LEU B 199 -7.12 -12.35 7.73
CA LEU B 199 -7.27 -11.42 6.60
C LEU B 199 -6.31 -10.25 6.70
N GLY B 200 -6.07 -9.74 7.90
CA GLY B 200 -5.11 -8.65 8.06
C GLY B 200 -3.70 -9.06 7.68
N GLU B 201 -3.27 -10.23 8.16
CA GLU B 201 -1.95 -10.72 7.80
C GLU B 201 -1.83 -10.98 6.30
N ALA B 202 -2.87 -11.58 5.71
CA ALA B 202 -2.87 -11.84 4.28
C ALA B 202 -2.79 -10.55 3.48
N HIS B 203 -3.53 -9.52 3.89
CA HIS B 203 -3.49 -8.25 3.20
C HIS B 203 -2.11 -7.59 3.32
N GLN B 204 -1.50 -7.67 4.49
CA GLN B 204 -0.17 -7.10 4.67
C GLN B 204 0.85 -7.80 3.77
N ARG B 205 0.81 -9.14 3.75
CA ARG B 205 1.73 -9.90 2.90
C ARG B 205 1.48 -9.59 1.43
N LEU B 206 0.21 -9.48 1.03
CA LEU B 206 -0.12 -9.16 -0.36
C LEU B 206 0.37 -7.77 -0.74
N SER B 207 0.25 -6.81 0.18
CA SER B 207 0.76 -5.46 -0.09
C SER B 207 2.26 -5.48 -0.30
N GLY B 208 2.99 -6.20 0.57
CA GLY B 208 4.42 -6.32 0.40
C GLY B 208 4.80 -6.97 -0.93
N ASP B 209 4.11 -8.05 -1.27
CA ASP B 209 4.39 -8.74 -2.53
C ASP B 209 4.10 -7.86 -3.72
N ILE B 210 3.00 -7.10 -3.68
CA ILE B 210 2.64 -6.22 -4.78
C ILE B 210 3.67 -5.11 -4.95
N VAL B 211 4.13 -4.54 -3.83
CA VAL B 211 5.13 -3.48 -3.92
C VAL B 211 6.43 -4.02 -4.50
N GLU B 212 6.85 -5.20 -4.05
CA GLU B 212 8.07 -5.80 -4.62
C GLU B 212 7.89 -6.14 -6.09
N PHE B 213 6.71 -6.62 -6.47
CA PHE B 213 6.43 -6.94 -7.86
C PHE B 213 6.49 -5.69 -8.73
N ALA B 214 5.96 -4.57 -8.23
CA ALA B 214 6.03 -3.32 -8.98
C ALA B 214 7.46 -2.81 -9.08
N GLN B 215 8.23 -2.93 -8.00
CA GLN B 215 9.59 -2.40 -7.97
C GLN B 215 10.58 -3.21 -8.79
N GLY B 216 10.19 -4.39 -9.27
CA GLY B 216 11.11 -5.21 -10.03
C GLY B 216 10.57 -5.64 -11.38
N MET B 217 9.75 -4.80 -12.01
CA MET B 217 9.19 -5.13 -13.30
C MET B 217 10.28 -5.25 -14.37
N MET B 218 11.34 -4.45 -14.24
CA MET B 218 12.43 -4.53 -15.20
C MET B 218 13.10 -5.89 -15.16
N VAL B 219 13.35 -6.41 -13.95
CA VAL B 219 13.95 -7.74 -13.83
C VAL B 219 12.96 -8.82 -14.26
N LEU B 220 11.67 -8.63 -13.93
CA LEU B 220 10.67 -9.64 -14.25
C LEU B 220 10.48 -9.79 -15.74
N ARG B 221 10.50 -8.68 -16.48
CA ARG B 221 10.29 -8.75 -17.92
C ARG B 221 11.41 -9.50 -18.62
N THR B 222 12.62 -9.46 -18.07
CA THR B 222 13.74 -10.14 -18.69
C THR B 222 13.60 -11.65 -18.62
N CYS B 223 13.23 -12.19 -17.45
CA CYS B 223 13.15 -13.64 -17.31
C CYS B 223 12.10 -14.23 -18.22
N GLY B 224 10.98 -13.54 -18.39
CA GLY B 224 9.97 -13.99 -19.35
C GLY B 224 9.35 -15.31 -18.92
N SER B 225 9.24 -16.23 -19.87
CA SER B 225 8.57 -17.52 -19.66
C SER B 225 7.16 -17.31 -19.11
N ASP B 226 6.39 -16.48 -19.83
CA ASP B 226 5.07 -16.05 -19.39
C ASP B 226 5.18 -15.36 -18.04
N ALA B 227 4.68 -16.01 -16.99
CA ALA B 227 4.77 -15.49 -15.64
C ALA B 227 5.41 -16.54 -14.74
N ASP B 228 6.47 -16.15 -14.03
CA ASP B 228 7.09 -17.03 -13.04
C ASP B 228 6.98 -16.46 -11.64
N LYS B 229 7.50 -15.25 -11.40
CA LYS B 229 7.23 -14.57 -10.14
C LYS B 229 5.83 -13.97 -10.14
N SER B 230 5.37 -13.47 -11.30
CA SER B 230 3.98 -13.07 -11.43
C SER B 230 3.07 -14.29 -11.31
N ARG B 231 3.56 -15.48 -11.65
CA ARG B 231 2.81 -16.69 -11.35
C ARG B 231 2.62 -16.85 -9.83
N ALA B 232 3.67 -16.56 -9.06
CA ALA B 232 3.54 -16.56 -7.61
C ALA B 232 2.57 -15.48 -7.13
N LEU B 233 2.56 -14.32 -7.79
CA LEU B 233 1.61 -13.27 -7.42
C LEU B 233 0.17 -13.72 -7.68
N LEU B 234 -0.08 -14.35 -8.82
CA LEU B 234 -1.41 -14.88 -9.10
C LEU B 234 -1.77 -16.02 -8.16
N ALA B 235 -0.79 -16.84 -7.77
CA ALA B 235 -1.03 -17.86 -6.76
C ALA B 235 -1.42 -17.24 -5.43
N HIS B 236 -0.78 -16.13 -5.06
CA HIS B 236 -1.16 -15.40 -3.85
C HIS B 236 -2.59 -14.86 -3.97
N PHE B 237 -2.95 -14.35 -5.14
CA PHE B 237 -4.31 -13.87 -5.36
C PHE B 237 -5.32 -15.01 -5.18
N ASN B 238 -5.03 -16.16 -5.78
CA ASN B 238 -5.93 -17.31 -5.67
C ASN B 238 -5.99 -17.82 -4.24
N ALA B 239 -4.87 -17.79 -3.52
CA ALA B 239 -4.86 -18.19 -2.12
C ALA B 239 -5.70 -17.25 -1.27
N LEU B 240 -5.64 -15.94 -1.55
CA LEU B 240 -6.50 -15.00 -0.85
C LEU B 240 -7.97 -15.27 -1.14
N GLU B 241 -8.30 -15.55 -2.41
CA GLU B 241 -9.68 -15.88 -2.75
C GLU B 241 -10.14 -17.13 -2.00
N ASN B 242 -9.31 -18.17 -1.98
CA ASN B 242 -9.67 -19.41 -1.30
C ASN B 242 -9.82 -19.18 0.20
N LEU B 243 -8.95 -18.37 0.79
CA LEU B 243 -9.05 -18.04 2.19
C LEU B 243 -10.38 -17.35 2.51
N GLN B 244 -10.73 -16.33 1.72
CA GLN B 244 -11.97 -15.62 1.96
C GLN B 244 -13.17 -16.53 1.77
N THR B 245 -13.17 -17.34 0.72
CA THR B 245 -14.29 -18.25 0.48
C THR B 245 -14.43 -19.27 1.60
N ARG B 246 -13.31 -19.84 2.05
CA ARG B 246 -13.36 -20.83 3.13
C ARG B 246 -13.85 -20.20 4.42
N THR B 247 -13.39 -19.00 4.74
CA THR B 247 -13.86 -18.32 5.95
C THR B 247 -15.35 -18.03 5.87
N HIS B 248 -15.83 -17.59 4.70
CA HIS B 248 -17.26 -17.33 4.55
C HIS B 248 -18.08 -18.60 4.66
N ARG B 249 -17.61 -19.70 4.07
CA ARG B 249 -18.32 -20.96 4.15
C ARG B 249 -18.36 -21.50 5.58
N GLN B 250 -17.26 -21.33 6.32
CA GLN B 250 -17.21 -21.82 7.70
C GLN B 250 -18.25 -21.14 8.57
N GLY B 251 -18.42 -19.83 8.41
CA GLY B 251 -19.38 -19.07 9.18
C GLY B 251 -20.77 -18.97 8.59
N ALA B 252 -21.01 -19.60 7.44
CA ALA B 252 -22.33 -19.52 6.83
C ALA B 252 -23.35 -20.32 7.62
N GLY B 253 -22.99 -21.54 8.04
CA GLY B 253 -23.90 -22.33 8.85
C GLY B 253 -24.18 -21.70 10.20
N ALA B 254 -23.14 -21.14 10.82
CA ALA B 254 -23.34 -20.45 12.09
C ALA B 254 -24.25 -19.24 11.94
N THR B 255 -24.06 -18.47 10.86
CA THR B 255 -24.93 -17.33 10.61
C THR B 255 -26.37 -17.76 10.38
N MET B 256 -26.56 -18.84 9.61
CA MET B 256 -27.91 -19.37 9.40
C MET B 256 -28.55 -19.81 10.71
N LEU B 257 -27.80 -20.49 11.55
CA LEU B 257 -28.34 -20.94 12.84
C LEU B 257 -28.70 -19.75 13.73
N ILE B 258 -27.84 -18.75 13.79
CA ILE B 258 -28.12 -17.58 14.63
C ILE B 258 -29.36 -16.84 14.12
N ALA B 259 -29.45 -16.65 12.80
CA ALA B 259 -30.60 -15.96 12.23
C ALA B 259 -31.88 -16.74 12.50
N SER B 260 -31.86 -18.07 12.30
CA SER B 260 -33.03 -18.88 12.57
C SER B 260 -33.46 -18.77 14.03
N VAL B 261 -32.49 -18.94 14.95
CA VAL B 261 -32.82 -18.91 16.38
C VAL B 261 -33.40 -17.55 16.77
N VAL B 262 -32.77 -16.46 16.32
CA VAL B 262 -33.24 -15.14 16.70
C VAL B 262 -34.63 -14.88 16.13
N GLU B 263 -34.80 -15.11 14.82
CA GLU B 263 -36.06 -14.73 14.18
C GLU B 263 -37.20 -15.63 14.58
N LEU B 264 -36.91 -16.86 15.04
CA LEU B 264 -37.97 -17.71 15.55
C LEU B 264 -38.20 -17.55 17.05
N GLY B 265 -37.25 -16.98 17.79
CA GLY B 265 -37.48 -16.63 19.16
C GLY B 265 -38.26 -15.34 19.24
N LEU B 266 -38.15 -14.52 18.20
CA LEU B 266 -39.04 -13.37 18.03
C LEU B 266 -40.38 -13.76 17.43
N GLN B 267 -40.48 -14.95 16.82
CA GLN B 267 -41.73 -15.45 16.29
C GLN B 267 -42.54 -16.23 17.32
N VAL B 268 -41.96 -16.56 18.48
CA VAL B 268 -42.73 -17.15 19.55
C VAL B 268 -43.24 -16.11 20.53
N VAL B 269 -42.61 -14.92 20.57
CA VAL B 269 -43.16 -13.82 21.36
C VAL B 269 -44.52 -13.41 20.84
N VAL B 270 -44.65 -13.28 19.52
CA VAL B 270 -45.94 -12.92 18.93
C VAL B 270 -46.96 -14.01 19.16
N LEU B 271 -46.55 -15.27 19.08
CA LEU B 271 -47.47 -16.38 19.33
C LEU B 271 -47.96 -16.38 20.78
N SER B 272 -47.04 -16.14 21.73
CA SER B 272 -47.44 -16.06 23.14
C SER B 272 -48.38 -14.89 23.37
N GLY B 273 -48.10 -13.75 22.74
CA GLY B 273 -49.00 -12.61 22.85
C GLY B 273 -50.38 -12.89 22.28
N ILE B 274 -50.43 -13.61 21.16
CA ILE B 274 -51.71 -13.98 20.55
C ILE B 274 -52.48 -14.91 21.48
N VAL B 275 -51.79 -15.88 22.07
CA VAL B 275 -52.45 -16.78 23.02
C VAL B 275 -52.99 -16.00 24.21
N TRP B 276 -52.21 -15.03 24.70
CA TRP B 276 -52.66 -14.22 25.82
C TRP B 276 -53.86 -13.35 25.44
N VAL B 277 -53.87 -12.83 24.21
CA VAL B 277 -54.97 -11.99 23.75
C VAL B 277 -56.24 -12.80 23.63
N VAL B 278 -56.17 -13.97 22.99
CA VAL B 278 -57.36 -14.79 22.84
C VAL B 278 -57.81 -15.33 24.20
N THR B 279 -56.88 -15.50 25.14
CA THR B 279 -57.26 -15.84 26.50
C THR B 279 -57.92 -14.67 27.23
N GLY B 280 -57.80 -13.46 26.69
CA GLY B 280 -58.45 -12.30 27.26
C GLY B 280 -57.65 -11.52 28.27
N THR B 281 -56.37 -11.85 28.46
CA THR B 281 -55.54 -11.20 29.47
C THR B 281 -54.62 -10.13 28.89
N LEU B 282 -54.65 -9.88 27.58
CA LEU B 282 -53.79 -8.89 26.97
C LEU B 282 -54.57 -8.15 25.90
N ASN B 283 -54.37 -6.84 25.82
CA ASN B 283 -55.12 -6.01 24.90
C ASN B 283 -54.63 -6.17 23.47
N LEU B 284 -55.58 -6.17 22.53
CA LEU B 284 -55.25 -6.43 21.13
C LEU B 284 -54.40 -5.31 20.54
N ALA B 285 -54.66 -4.06 20.92
CA ALA B 285 -53.87 -2.94 20.41
C ALA B 285 -52.43 -3.02 20.88
N PHE B 286 -52.20 -3.39 22.14
CA PHE B 286 -50.84 -3.59 22.62
C PHE B 286 -50.16 -4.71 21.85
N LEU B 287 -50.91 -5.75 21.50
CA LEU B 287 -50.36 -6.82 20.67
C LEU B 287 -49.92 -6.29 19.31
N ILE B 288 -50.75 -5.46 18.68
CA ILE B 288 -50.37 -4.91 17.38
C ILE B 288 -49.13 -4.04 17.49
N ALA B 289 -49.06 -3.21 18.54
CA ALA B 289 -47.88 -2.36 18.72
C ALA B 289 -46.63 -3.21 18.91
N ALA B 290 -46.72 -4.25 19.73
CA ALA B 290 -45.58 -5.14 19.94
C ALA B 290 -45.18 -5.83 18.65
N VAL B 291 -46.16 -6.27 17.86
CA VAL B 291 -45.86 -6.92 16.58
C VAL B 291 -45.16 -5.97 15.64
N ALA B 292 -45.61 -4.72 15.56
CA ALA B 292 -44.95 -3.73 14.72
C ALA B 292 -43.51 -3.52 15.16
N MET B 293 -43.30 -3.42 16.47
CA MET B 293 -41.94 -3.26 17.00
C MET B 293 -41.07 -4.46 16.61
N ILE B 294 -41.58 -5.67 16.79
CA ILE B 294 -40.79 -6.87 16.50
C ILE B 294 -40.46 -6.95 15.02
N MET B 295 -41.44 -6.68 14.15
CA MET B 295 -41.19 -6.73 12.72
C MET B 295 -40.20 -5.66 12.29
N ARG B 296 -40.18 -4.52 12.98
CA ARG B 296 -39.18 -3.49 12.69
C ARG B 296 -37.87 -3.70 13.44
N PHE B 297 -37.79 -4.75 14.28
CA PHE B 297 -36.58 -5.05 15.03
C PHE B 297 -35.94 -6.39 14.69
N ALA B 298 -36.67 -7.29 14.02
CA ALA B 298 -36.17 -8.66 13.82
C ALA B 298 -34.96 -8.68 12.90
N GLU B 299 -35.04 -7.97 11.77
CA GLU B 299 -33.95 -8.01 10.80
C GLU B 299 -32.64 -7.47 11.36
N PRO B 300 -32.58 -6.28 11.98
CA PRO B 300 -31.31 -5.84 12.55
C PRO B 300 -30.78 -6.74 13.65
N MET B 301 -31.66 -7.34 14.45
CA MET B 301 -31.21 -8.13 15.59
C MET B 301 -30.64 -9.48 15.17
N ALA B 302 -31.11 -10.03 14.05
CA ALA B 302 -30.64 -11.34 13.62
C ALA B 302 -29.16 -11.32 13.29
N MET B 303 -28.67 -10.25 12.66
CA MET B 303 -27.28 -10.15 12.24
C MET B 303 -26.47 -9.21 13.14
N PHE B 304 -26.81 -9.15 14.44
CA PHE B 304 -25.98 -8.41 15.38
C PHE B 304 -24.59 -9.03 15.50
N ILE B 305 -24.53 -10.36 15.51
CA ILE B 305 -23.24 -11.05 15.57
C ILE B 305 -22.42 -10.75 14.32
N SER B 306 -23.08 -10.76 13.16
CA SER B 306 -22.39 -10.37 11.93
C SER B 306 -21.93 -8.92 11.99
N TYR B 307 -22.68 -8.06 12.67
CA TYR B 307 -22.30 -6.67 12.83
C TYR B 307 -21.08 -6.53 13.74
N THR B 308 -20.92 -7.44 14.71
CA THR B 308 -19.74 -7.41 15.58
C THR B 308 -18.46 -7.76 14.84
N SER B 309 -18.54 -8.26 13.61
CA SER B 309 -17.35 -8.54 12.83
C SER B 309 -16.56 -7.26 12.55
N VAL B 310 -17.26 -6.14 12.33
CA VAL B 310 -16.58 -4.87 12.11
C VAL B 310 -15.86 -4.43 13.38
N VAL B 311 -16.47 -4.68 14.54
CA VAL B 311 -15.80 -4.39 15.82
C VAL B 311 -14.55 -5.24 15.95
N GLU B 312 -14.63 -6.51 15.55
CA GLU B 312 -13.45 -7.38 15.57
C GLU B 312 -12.37 -6.84 14.64
N LEU B 313 -12.76 -6.35 13.45
CA LEU B 313 -11.80 -5.76 12.53
C LEU B 313 -11.13 -4.53 13.12
N ILE B 314 -11.91 -3.68 13.78
CA ILE B 314 -11.34 -2.49 14.43
C ILE B 314 -10.36 -2.91 15.52
N ALA B 315 -10.71 -3.94 16.30
CA ALA B 315 -9.81 -4.43 17.33
C ALA B 315 -8.52 -4.97 16.72
N SER B 316 -8.62 -5.69 15.61
CA SER B 316 -7.43 -6.21 14.94
C SER B 316 -6.53 -5.08 14.44
N ALA B 317 -7.13 -4.06 13.84
CA ALA B 317 -6.35 -2.92 13.38
C ALA B 317 -5.67 -2.21 14.55
N LEU B 318 -6.40 -2.04 15.66
CA LEU B 318 -5.81 -1.43 16.84
C LEU B 318 -4.64 -2.26 17.36
N GLN B 319 -4.80 -3.59 17.37
CA GLN B 319 -3.72 -4.45 17.84
C GLN B 319 -2.49 -4.33 16.96
N ARG B 320 -2.68 -4.32 15.63
CA ARG B 320 -1.54 -4.18 14.73
C ARG B 320 -0.85 -2.83 14.92
N ILE B 321 -1.64 -1.77 15.06
CA ILE B 321 -1.08 -0.43 15.24
C ILE B 321 -0.29 -0.36 16.53
N GLU B 322 -0.83 -0.91 17.62
CA GLU B 322 -0.11 -0.88 18.89
C GLU B 322 1.13 -1.75 18.86
N GLN B 323 1.09 -2.89 18.17
CA GLN B 323 2.28 -3.71 18.03
C GLN B 323 3.38 -2.95 17.29
N PHE B 324 3.02 -2.22 16.24
CA PHE B 324 4.02 -1.39 15.57
C PHE B 324 4.51 -0.28 16.48
N MET B 325 3.62 0.35 17.24
CA MET B 325 3.99 1.45 18.13
C MET B 325 4.72 1.00 19.38
N ALA B 326 4.74 -0.31 19.67
CA ALA B 326 5.41 -0.82 20.85
C ALA B 326 6.91 -1.02 20.64
N ILE B 327 7.42 -0.79 19.43
CA ILE B 327 8.85 -0.93 19.18
C ILE B 327 9.60 0.18 19.91
N ALA B 328 10.62 -0.20 20.68
CA ALA B 328 11.34 0.81 21.43
C ALA B 328 12.59 1.25 20.68
N PRO B 329 12.95 2.52 20.76
CA PRO B 329 14.18 2.99 20.12
C PRO B 329 15.41 2.54 20.89
N LEU B 330 16.57 2.72 20.26
CA LEU B 330 17.82 2.41 20.92
C LEU B 330 18.00 3.31 22.14
N PRO B 331 18.33 2.77 23.31
CA PRO B 331 18.34 3.58 24.53
C PRO B 331 19.36 4.71 24.46
N VAL B 332 18.98 5.85 25.01
CA VAL B 332 19.88 7.00 25.15
C VAL B 332 20.17 7.12 26.65
N ALA B 333 21.27 6.50 27.07
CA ALA B 333 21.64 6.46 28.48
C ALA B 333 22.70 7.51 28.77
N GLU B 334 22.50 8.27 29.84
CA GLU B 334 23.44 9.29 30.29
C GLU B 334 23.69 10.33 29.20
N GLN B 335 22.62 11.07 28.90
CA GLN B 335 22.66 12.07 27.84
C GLN B 335 23.76 13.10 28.10
N SER B 336 24.47 13.47 27.04
CA SER B 336 25.62 14.37 27.13
C SER B 336 25.42 15.57 26.21
N GLU B 337 26.44 16.42 26.15
CA GLU B 337 26.40 17.62 25.34
C GLU B 337 27.17 17.41 24.04
N MET B 338 27.33 18.48 23.28
CA MET B 338 28.00 18.39 21.99
C MET B 338 29.50 18.14 22.18
N PRO B 339 30.05 17.11 21.53
CA PRO B 339 31.50 16.95 21.55
C PRO B 339 32.19 18.11 20.87
N GLU B 340 33.35 18.51 21.42
CA GLU B 340 34.08 19.64 20.87
C GLU B 340 35.16 19.21 19.89
N ARG B 341 35.66 17.98 20.00
CA ARG B 341 36.47 17.39 18.94
C ARG B 341 35.62 16.43 18.11
N TYR B 342 36.10 16.13 16.91
CA TYR B 342 35.38 15.29 15.96
C TYR B 342 36.28 14.15 15.49
N ASP B 343 36.96 13.51 16.43
CA ASP B 343 37.85 12.37 16.14
C ASP B 343 37.17 11.06 16.52
N ILE B 344 36.57 10.42 15.52
CA ILE B 344 35.86 9.17 15.75
C ILE B 344 36.83 8.08 16.16
N ARG B 345 36.50 7.37 17.23
CA ARG B 345 37.33 6.29 17.74
C ARG B 345 36.47 5.05 17.98
N PHE B 346 36.92 3.91 17.47
CA PHE B 346 36.35 2.62 17.79
C PHE B 346 37.21 1.95 18.85
N ASP B 347 36.56 1.24 19.77
CA ASP B 347 37.27 0.57 20.87
C ASP B 347 36.68 -0.83 21.04
N ASN B 348 37.40 -1.84 20.55
CA ASN B 348 37.03 -3.24 20.72
C ASN B 348 35.61 -3.52 20.22
N VAL B 349 35.23 -2.90 19.12
CA VAL B 349 33.88 -3.02 18.60
C VAL B 349 33.73 -4.37 17.92
N SER B 350 32.70 -5.12 18.32
CA SER B 350 32.36 -6.40 17.66
C SER B 350 30.85 -6.39 17.41
N TYR B 351 30.41 -6.39 16.16
CA TYR B 351 28.95 -6.25 15.88
C TYR B 351 28.41 -7.48 15.14
N ARG B 352 27.29 -8.02 15.62
CA ARG B 352 26.67 -9.16 14.91
C ARG B 352 25.32 -8.73 14.34
N TYR B 353 25.12 -8.91 13.04
CA TYR B 353 23.86 -8.57 12.40
C TYR B 353 22.75 -9.53 12.85
N GLU B 354 21.52 -9.04 12.80
CA GLU B 354 20.37 -9.87 13.15
C GLU B 354 20.23 -11.02 12.16
N GLU B 355 19.99 -12.22 12.69
CA GLU B 355 19.91 -13.46 11.93
C GLU B 355 21.18 -13.77 11.15
N GLY B 356 22.28 -13.12 11.54
CA GLY B 356 23.57 -13.32 10.85
C GLY B 356 24.61 -13.94 11.77
N ASP B 357 25.30 -14.99 11.31
CA ASP B 357 26.35 -15.67 12.11
C ASP B 357 27.70 -15.05 11.76
N GLY B 358 27.72 -14.00 10.94
CA GLY B 358 28.99 -13.43 10.45
C GLY B 358 29.87 -12.89 11.57
N TYR B 359 29.32 -12.25 12.59
CA TYR B 359 30.18 -11.63 13.63
C TYR B 359 31.11 -10.66 12.90
N ALA B 360 30.55 -9.90 11.95
CA ALA B 360 31.32 -8.93 11.12
C ALA B 360 31.80 -7.76 11.97
N LEU B 361 32.85 -7.06 11.53
CA LEU B 361 33.43 -5.99 12.39
C LEU B 361 33.86 -6.59 13.72
N ASN B 362 34.45 -7.79 13.69
CA ASN B 362 34.96 -8.46 14.92
C ASN B 362 36.10 -7.66 15.56
N HIS B 363 36.10 -7.55 16.89
CA HIS B 363 37.18 -6.84 17.65
C HIS B 363 37.88 -5.79 16.79
N VAL B 364 37.12 -4.81 16.30
CA VAL B 364 37.69 -3.74 15.49
C VAL B 364 37.92 -2.52 16.36
N SER B 365 39.17 -2.05 16.40
CA SER B 365 39.54 -0.79 17.04
C SER B 365 40.30 0.05 16.04
N LEU B 366 39.90 1.32 15.92
CA LEU B 366 40.51 2.22 14.94
C LEU B 366 40.31 3.66 15.40
N THR B 367 40.80 4.60 14.60
CA THR B 367 40.71 6.02 14.90
C THR B 367 40.54 6.78 13.60
N PHE B 368 39.63 7.77 13.61
CA PHE B 368 39.42 8.67 12.49
C PHE B 368 39.78 10.08 12.94
N PRO B 369 41.01 10.51 12.69
CA PRO B 369 41.45 11.83 13.19
C PRO B 369 40.63 12.97 12.60
N ALA B 370 40.39 13.99 13.42
CA ALA B 370 39.68 15.17 12.97
C ALA B 370 40.58 16.02 12.07
N ALA B 371 39.92 16.82 11.21
CA ALA B 371 40.62 17.67 10.25
C ALA B 371 41.55 16.84 9.36
N SER B 372 41.10 15.64 9.01
CA SER B 372 41.88 14.74 8.18
C SER B 372 40.91 13.89 7.36
N MET B 373 41.46 13.09 6.47
CA MET B 373 40.68 12.24 5.58
C MET B 373 41.27 10.84 5.58
N SER B 374 40.49 9.87 6.04
CA SER B 374 40.90 8.49 6.14
C SER B 374 40.07 7.64 5.19
N ALA B 375 40.68 6.56 4.70
CA ALA B 375 40.08 5.69 3.70
C ALA B 375 39.94 4.28 4.24
N LEU B 376 38.91 3.59 3.77
CA LEU B 376 38.67 2.19 4.10
C LEU B 376 38.72 1.37 2.82
N VAL B 377 39.64 0.40 2.77
CA VAL B 377 39.81 -0.47 1.62
C VAL B 377 39.61 -1.91 2.07
N GLY B 378 39.37 -2.78 1.10
CA GLY B 378 39.21 -4.19 1.38
C GLY B 378 38.34 -4.85 0.34
N ALA B 379 38.11 -6.14 0.55
CA ALA B 379 37.26 -6.91 -0.36
C ALA B 379 35.79 -6.61 -0.11
N SER B 380 34.95 -7.02 -1.07
CA SER B 380 33.52 -6.85 -0.92
C SER B 380 33.02 -7.67 0.27
N GLY B 381 32.20 -7.05 1.10
CA GLY B 381 31.72 -7.68 2.31
C GLY B 381 32.66 -7.63 3.48
N ALA B 382 33.72 -6.81 3.40
CA ALA B 382 34.68 -6.72 4.51
C ALA B 382 34.02 -6.13 5.76
N GLY B 383 33.20 -5.11 5.60
CA GLY B 383 32.53 -4.49 6.74
C GLY B 383 32.74 -3.00 6.84
N LYS B 384 33.14 -2.37 5.73
CA LYS B 384 33.32 -0.92 5.71
C LYS B 384 31.98 -0.21 5.86
N THR B 385 30.98 -0.63 5.09
CA THR B 385 29.64 -0.08 5.25
C THR B 385 29.09 -0.36 6.65
N THR B 386 29.51 -1.47 7.26
CA THR B 386 29.14 -1.72 8.65
C THR B 386 29.72 -0.65 9.57
N VAL B 387 30.98 -0.25 9.33
CA VAL B 387 31.58 0.83 10.11
C VAL B 387 30.79 2.12 9.92
N THR B 388 30.46 2.44 8.66
CA THR B 388 29.71 3.67 8.39
C THR B 388 28.34 3.65 9.07
N LYS B 389 27.67 2.49 9.03
CA LYS B 389 26.33 2.40 9.62
C LYS B 389 26.39 2.48 11.14
N LEU B 390 27.34 1.79 11.77
CA LEU B 390 27.43 1.84 13.22
C LEU B 390 27.89 3.20 13.71
N LEU B 391 28.60 3.96 12.86
CA LEU B 391 28.91 5.34 13.22
C LEU B 391 27.66 6.21 13.20
N MET B 392 26.65 5.84 12.41
CA MET B 392 25.37 6.51 12.40
C MET B 392 24.38 5.91 13.39
N ARG B 393 24.85 5.02 14.26
CA ARG B 393 24.01 4.35 15.25
C ARG B 393 22.90 3.56 14.56
N TYR B 394 23.30 2.81 13.53
CA TYR B 394 22.38 1.87 12.89
C TYR B 394 21.93 0.80 13.86
N ALA B 395 22.86 0.29 14.68
CA ALA B 395 22.54 -0.64 15.73
C ALA B 395 23.57 -0.49 16.84
N ASP B 396 23.20 -0.91 18.04
CA ASP B 396 24.17 -0.81 19.12
C ASP B 396 25.19 -1.94 19.05
N PRO B 397 26.47 -1.64 19.27
CA PRO B 397 27.48 -2.71 19.31
C PRO B 397 27.32 -3.55 20.56
N GLN B 398 27.41 -4.87 20.39
CA GLN B 398 27.35 -5.76 21.55
C GLN B 398 28.64 -5.68 22.38
N GLN B 399 29.75 -5.31 21.75
CA GLN B 399 31.00 -5.09 22.46
C GLN B 399 31.69 -3.86 21.88
N GLY B 400 32.47 -3.20 22.73
CA GLY B 400 33.22 -2.03 22.33
C GLY B 400 32.40 -0.76 22.28
N GLN B 401 33.07 0.38 22.19
CA GLN B 401 32.40 1.68 22.17
C GLN B 401 32.88 2.48 20.96
N ILE B 402 31.96 3.27 20.39
CA ILE B 402 32.27 4.17 19.30
C ILE B 402 32.01 5.59 19.80
N SER B 403 32.99 6.48 19.62
CA SER B 403 32.88 7.84 20.13
C SER B 403 33.16 8.82 19.00
N ILE B 404 32.25 9.79 18.82
CA ILE B 404 32.49 10.87 17.88
C ILE B 404 33.68 11.72 18.33
N GLY B 405 33.71 12.07 19.62
CA GLY B 405 34.84 12.72 20.23
C GLY B 405 35.23 11.98 21.49
N GLY B 406 35.20 12.67 22.62
CA GLY B 406 35.27 12.00 23.90
C GLY B 406 33.94 11.48 24.40
N VAL B 407 32.89 11.61 23.60
CA VAL B 407 31.54 11.25 23.99
C VAL B 407 31.10 10.03 23.18
N ASP B 408 30.60 9.01 23.88
CA ASP B 408 30.06 7.83 23.24
C ASP B 408 28.73 8.17 22.54
N ILE B 409 28.46 7.45 21.45
CA ILE B 409 27.25 7.70 20.66
C ILE B 409 26.00 7.49 21.52
N ARG B 410 26.01 6.47 22.38
CA ARG B 410 24.85 6.20 23.21
C ARG B 410 24.52 7.36 24.15
N ARG B 411 25.49 8.24 24.40
CA ARG B 411 25.24 9.43 25.20
C ARG B 411 24.56 10.54 24.40
N LEU B 412 24.45 10.38 23.08
CA LEU B 412 23.78 11.35 22.23
C LEU B 412 22.42 10.83 21.77
N THR B 413 21.51 11.78 21.53
CA THR B 413 20.24 11.47 20.90
C THR B 413 20.43 11.36 19.39
N PRO B 414 19.52 10.65 18.69
CA PRO B 414 19.69 10.50 17.24
C PRO B 414 19.73 11.82 16.49
N GLU B 415 19.00 12.83 16.95
CA GLU B 415 18.99 14.12 16.25
C GLU B 415 20.38 14.75 16.23
N GLN B 416 21.06 14.75 17.38
CA GLN B 416 22.40 15.35 17.44
C GLN B 416 23.38 14.59 16.56
N LEU B 417 23.36 13.26 16.64
CA LEU B 417 24.29 12.46 15.83
C LEU B 417 24.04 12.67 14.34
N ASN B 418 22.77 12.69 13.93
CA ASN B 418 22.48 12.96 12.53
C ASN B 418 22.81 14.38 12.13
N SER B 419 22.84 15.31 13.09
CA SER B 419 23.31 16.66 12.80
C SER B 419 24.82 16.69 12.59
N LEU B 420 25.57 15.84 13.30
CA LEU B 420 27.02 15.83 13.18
C LEU B 420 27.54 14.98 12.03
N ILE B 421 26.67 14.28 11.29
CA ILE B 421 27.09 13.32 10.27
C ILE B 421 26.42 13.68 8.96
N SER B 422 27.22 13.75 7.88
CA SER B 422 26.71 13.90 6.53
C SER B 422 27.28 12.78 5.66
N VAL B 423 26.41 12.02 5.01
CA VAL B 423 26.80 10.77 4.38
C VAL B 423 26.37 10.73 2.92
N VAL B 424 27.28 10.35 2.05
CA VAL B 424 26.98 9.87 0.71
C VAL B 424 26.85 8.35 0.79
N PHE B 425 25.67 7.83 0.48
CA PHE B 425 25.39 6.41 0.61
C PHE B 425 25.74 5.67 -0.68
N GLN B 426 26.10 4.39 -0.53
CA GLN B 426 26.32 3.54 -1.70
C GLN B 426 25.04 3.37 -2.49
N ASP B 427 23.95 2.98 -1.81
CA ASP B 427 22.65 2.94 -2.45
C ASP B 427 22.08 4.35 -2.63
N VAL B 428 22.36 4.94 -3.79
CA VAL B 428 22.03 6.34 -4.02
C VAL B 428 20.52 6.49 -4.07
N TRP B 429 19.97 7.32 -3.19
CA TRP B 429 18.53 7.49 -3.04
C TRP B 429 18.19 8.97 -3.21
N LEU B 430 17.41 9.27 -4.24
CA LEU B 430 16.85 10.61 -4.43
C LEU B 430 15.35 10.57 -4.16
N PHE B 431 14.82 11.71 -3.76
CA PHE B 431 13.42 11.82 -3.39
C PHE B 431 12.58 12.18 -4.61
N ASP B 432 11.31 11.78 -4.55
CA ASP B 432 10.40 11.93 -5.70
C ASP B 432 9.85 13.36 -5.75
N ASP B 433 10.78 14.30 -5.93
CA ASP B 433 10.41 15.71 -6.05
C ASP B 433 11.47 16.37 -6.95
N THR B 434 11.53 17.69 -6.93
CA THR B 434 12.43 18.42 -7.82
C THR B 434 13.89 18.24 -7.39
N LEU B 435 14.79 18.49 -8.34
CA LEU B 435 16.21 18.40 -8.08
C LEU B 435 16.65 19.42 -7.03
N LEU B 436 16.12 20.65 -7.14
CA LEU B 436 16.46 21.69 -6.18
C LEU B 436 16.14 21.26 -4.76
N ALA B 437 14.93 20.73 -4.55
CA ALA B 437 14.56 20.25 -3.22
C ALA B 437 15.37 19.04 -2.81
N ASN B 438 15.73 18.17 -3.76
CA ASN B 438 16.56 17.01 -3.44
C ASN B 438 17.90 17.45 -2.87
N ILE B 439 18.52 18.46 -3.47
CA ILE B 439 19.76 18.98 -2.92
C ILE B 439 19.51 19.74 -1.62
N ARG B 440 18.42 20.50 -1.55
CA ARG B 440 18.16 21.41 -0.44
C ARG B 440 17.73 20.70 0.84
N ILE B 441 17.24 19.46 0.75
CA ILE B 441 16.73 18.77 1.94
C ILE B 441 17.81 18.61 3.00
N ALA B 442 19.08 18.59 2.59
CA ALA B 442 20.16 18.51 3.58
C ALA B 442 20.21 19.74 4.46
N ARG B 443 19.98 20.92 3.89
CA ARG B 443 20.00 22.17 4.63
C ARG B 443 19.09 23.18 3.95
N PRO B 444 17.78 23.13 4.21
CA PRO B 444 16.87 24.06 3.52
C PRO B 444 17.13 25.52 3.82
N GLN B 445 17.65 25.85 5.00
CA GLN B 445 17.97 27.23 5.36
C GLN B 445 19.32 27.64 4.77
N ALA B 446 19.42 27.56 3.45
CA ALA B 446 20.63 27.89 2.73
C ALA B 446 20.30 28.81 1.56
N THR B 447 21.22 29.73 1.28
CA THR B 447 21.07 30.63 0.15
C THR B 447 21.19 29.86 -1.16
N ARG B 448 20.47 30.34 -2.19
CA ARG B 448 20.57 29.71 -3.50
C ARG B 448 22.00 29.72 -4.03
N GLN B 449 22.78 30.75 -3.69
CA GLN B 449 24.18 30.77 -4.05
C GLN B 449 24.94 29.62 -3.39
N GLU B 450 24.60 29.30 -2.14
CA GLU B 450 25.22 28.16 -1.48
C GLU B 450 24.86 26.86 -2.16
N VAL B 451 23.61 26.72 -2.60
CA VAL B 451 23.20 25.51 -3.32
C VAL B 451 23.94 25.40 -4.64
N GLU B 452 24.10 26.51 -5.35
CA GLU B 452 24.84 26.49 -6.60
C GLU B 452 26.30 26.15 -6.38
N GLU B 453 26.90 26.66 -5.29
CA GLU B 453 28.28 26.32 -4.97
C GLU B 453 28.42 24.84 -4.66
N ALA B 454 27.48 24.28 -3.90
CA ALA B 454 27.51 22.85 -3.60
C ALA B 454 27.36 22.02 -4.87
N ALA B 455 26.48 22.45 -5.78
CA ALA B 455 26.33 21.75 -7.05
C ALA B 455 27.61 21.82 -7.87
N ARG B 456 28.27 22.98 -7.89
CA ARG B 456 29.52 23.12 -8.64
C ARG B 456 30.62 22.24 -8.04
N ALA B 457 30.68 22.15 -6.71
CA ALA B 457 31.70 21.34 -6.06
C ALA B 457 31.56 19.87 -6.44
N ALA B 458 30.33 19.40 -6.61
CA ALA B 458 30.07 18.03 -7.03
C ALA B 458 30.17 17.85 -8.54
N GLN B 459 30.42 18.92 -9.28
CA GLN B 459 30.52 18.88 -10.75
C GLN B 459 29.23 18.31 -11.35
N CYS B 460 28.12 18.99 -11.05
CA CYS B 460 26.81 18.56 -11.55
C CYS B 460 26.02 19.68 -12.20
N LEU B 461 26.53 20.92 -12.19
CA LEU B 461 25.83 22.02 -12.85
C LEU B 461 25.75 21.85 -14.36
N GLU B 462 26.65 21.04 -14.95
CA GLU B 462 26.68 20.90 -16.40
C GLU B 462 25.39 20.31 -16.93
N PHE B 463 24.96 19.17 -16.38
CA PHE B 463 23.72 18.55 -16.84
C PHE B 463 22.49 19.22 -16.26
N ILE B 464 22.63 19.99 -15.18
CA ILE B 464 21.52 20.81 -14.70
C ILE B 464 21.22 21.91 -15.70
N SER B 465 22.27 22.51 -16.28
CA SER B 465 22.07 23.49 -17.34
C SER B 465 21.40 22.85 -18.56
N ARG B 466 21.71 21.59 -18.83
CA ARG B 466 21.10 20.85 -19.93
C ARG B 466 19.73 20.28 -19.58
N LEU B 467 19.11 20.76 -18.50
CA LEU B 467 17.76 20.33 -18.14
C LEU B 467 16.78 21.41 -18.55
N PRO B 468 15.81 21.11 -19.42
CA PRO B 468 14.85 22.15 -19.83
C PRO B 468 14.07 22.73 -18.67
N GLN B 469 13.75 21.91 -17.66
CA GLN B 469 13.08 22.41 -16.47
C GLN B 469 14.05 23.00 -15.46
N GLY B 470 15.35 22.91 -15.71
CA GLY B 470 16.33 23.49 -14.81
C GLY B 470 16.34 22.78 -13.46
N TRP B 471 16.54 23.56 -12.40
CA TRP B 471 16.53 23.01 -11.05
C TRP B 471 15.17 22.46 -10.66
N LEU B 472 14.11 22.88 -11.35
CA LEU B 472 12.75 22.41 -11.06
C LEU B 472 12.43 21.11 -11.79
N THR B 473 13.43 20.43 -12.33
CA THR B 473 13.19 19.16 -13.02
C THR B 473 12.74 18.11 -12.00
N PRO B 474 11.58 17.47 -12.20
CA PRO B 474 11.13 16.48 -11.22
C PRO B 474 11.96 15.21 -11.27
N MET B 475 12.30 14.70 -10.10
CA MET B 475 12.97 13.42 -9.97
C MET B 475 11.92 12.35 -9.64
N GLY B 476 12.00 11.23 -10.34
CA GLY B 476 11.08 10.14 -10.10
C GLY B 476 11.44 9.35 -8.86
N GLU B 477 10.75 8.23 -8.68
CA GLU B 477 11.07 7.34 -7.58
C GLU B 477 12.50 6.82 -7.74
N MET B 478 13.28 6.91 -6.66
CA MET B 478 14.71 6.60 -6.64
C MET B 478 15.52 7.51 -7.54
N GLY B 479 14.96 8.66 -7.96
CA GLY B 479 15.65 9.52 -8.91
C GLY B 479 15.83 8.85 -10.26
N GLY B 480 14.77 8.23 -10.76
CA GLY B 480 14.89 7.44 -11.98
C GLY B 480 15.22 8.27 -13.21
N GLN B 481 14.71 9.49 -13.28
CA GLN B 481 14.89 10.31 -14.47
C GLN B 481 16.34 10.74 -14.69
N LEU B 482 17.22 10.56 -13.71
CA LEU B 482 18.62 10.86 -13.91
C LEU B 482 19.43 9.58 -14.11
N SER B 483 20.60 9.74 -14.73
CA SER B 483 21.51 8.62 -14.89
C SER B 483 22.13 8.25 -13.55
N GLY B 484 22.80 7.10 -13.52
CA GLY B 484 23.45 6.67 -12.29
C GLY B 484 24.51 7.66 -11.83
N GLY B 485 25.36 8.11 -12.76
CA GLY B 485 26.37 9.10 -12.40
C GLY B 485 25.77 10.44 -12.02
N GLU B 486 24.76 10.89 -12.77
CA GLU B 486 24.10 12.15 -12.45
C GLU B 486 23.41 12.08 -11.09
N ARG B 487 22.71 10.98 -10.82
CA ARG B 487 22.06 10.81 -9.54
C ARG B 487 23.07 10.75 -8.39
N GLN B 488 24.19 10.06 -8.61
CA GLN B 488 25.20 9.93 -7.57
C GLN B 488 25.86 11.27 -7.29
N ARG B 489 26.09 12.06 -8.34
CA ARG B 489 26.63 13.40 -8.14
C ARG B 489 25.63 14.33 -7.46
N ILE B 490 24.33 14.14 -7.73
CA ILE B 490 23.31 14.91 -7.01
C ILE B 490 23.35 14.56 -5.52
N SER B 491 23.52 13.27 -5.21
CA SER B 491 23.66 12.87 -3.81
C SER B 491 24.91 13.46 -3.18
N ILE B 492 26.01 13.50 -3.94
CA ILE B 492 27.24 14.12 -3.43
C ILE B 492 27.01 15.59 -3.13
N ALA B 493 26.33 16.30 -4.03
CA ALA B 493 26.03 17.71 -3.81
C ALA B 493 25.12 17.88 -2.59
N ARG B 494 24.16 16.97 -2.43
CA ARG B 494 23.29 17.01 -1.25
C ARG B 494 24.10 16.91 0.03
N ALA B 495 25.04 15.95 0.09
CA ALA B 495 25.87 15.81 1.27
C ALA B 495 26.79 17.03 1.45
N LEU B 496 27.29 17.59 0.35
CA LEU B 496 28.17 18.75 0.43
C LEU B 496 27.44 19.97 0.99
N LEU B 497 26.17 20.15 0.61
CA LEU B 497 25.42 21.33 1.05
C LEU B 497 25.28 21.33 2.58
N LYS B 498 25.01 20.18 3.18
CA LYS B 498 24.95 20.09 4.62
C LYS B 498 26.33 20.30 5.22
N ASN B 499 26.41 21.17 6.22
CA ASN B 499 27.68 21.50 6.88
C ASN B 499 27.76 20.67 8.16
N ALA B 500 28.36 19.49 8.04
CA ALA B 500 28.53 18.61 9.19
C ALA B 500 30.01 18.41 9.49
N PRO B 501 30.38 18.27 10.76
CA PRO B 501 31.79 18.06 11.09
C PRO B 501 32.36 16.78 10.48
N VAL B 502 31.56 15.73 10.36
CA VAL B 502 32.01 14.45 9.84
C VAL B 502 31.28 14.15 8.54
N VAL B 503 32.04 13.84 7.50
CA VAL B 503 31.50 13.50 6.19
C VAL B 503 31.94 12.08 5.86
N ILE B 504 30.97 11.18 5.73
CA ILE B 504 31.21 9.78 5.41
C ILE B 504 30.68 9.54 4.00
N LEU B 505 31.59 9.26 3.08
CA LEU B 505 31.24 8.92 1.71
C LEU B 505 31.54 7.45 1.49
N ASP B 506 30.57 6.69 1.01
CA ASP B 506 30.72 5.25 0.80
C ASP B 506 30.67 4.99 -0.70
N GLU B 507 31.84 4.80 -1.30
CA GLU B 507 32.00 4.63 -2.74
C GLU B 507 31.40 5.84 -3.45
N PRO B 508 32.02 7.02 -3.32
CA PRO B 508 31.40 8.24 -3.86
C PRO B 508 31.35 8.28 -5.37
N THR B 509 32.22 7.53 -6.06
CA THR B 509 32.41 7.68 -7.49
C THR B 509 32.28 6.34 -8.22
N ALA B 510 31.37 5.48 -7.78
CA ALA B 510 31.20 4.18 -8.42
C ALA B 510 30.73 4.32 -9.87
N ALA B 511 29.77 5.21 -10.11
CA ALA B 511 29.15 5.36 -11.42
C ALA B 511 29.61 6.62 -12.16
N LEU B 512 30.75 7.19 -11.79
CA LEU B 512 31.27 8.39 -12.42
C LEU B 512 32.38 8.06 -13.40
N ASP B 513 32.47 8.87 -14.46
CA ASP B 513 33.56 8.75 -15.41
C ASP B 513 34.84 9.30 -14.80
N ILE B 514 35.96 9.17 -15.51
CA ILE B 514 37.26 9.55 -14.95
C ILE B 514 37.31 11.06 -14.72
N GLU B 515 36.82 11.87 -15.67
CA GLU B 515 36.87 13.31 -15.52
C GLU B 515 35.95 13.80 -14.40
N SER B 516 34.71 13.28 -14.37
CA SER B 516 33.79 13.65 -13.31
C SER B 516 34.32 13.20 -11.95
N GLU B 517 34.97 12.04 -11.91
CA GLU B 517 35.52 11.51 -10.67
C GLU B 517 36.69 12.34 -10.16
N LEU B 518 37.56 12.81 -11.06
CA LEU B 518 38.61 13.74 -10.65
C LEU B 518 38.04 15.06 -10.16
N ALA B 519 37.02 15.57 -10.87
CA ALA B 519 36.39 16.83 -10.45
C ALA B 519 35.77 16.69 -9.06
N VAL B 520 35.10 15.56 -8.80
CA VAL B 520 34.53 15.33 -7.47
C VAL B 520 35.63 15.19 -6.42
N GLN B 521 36.71 14.48 -6.76
CA GLN B 521 37.79 14.29 -5.81
C GLN B 521 38.47 15.62 -5.48
N LYS B 522 38.40 16.59 -6.39
CA LYS B 522 38.90 17.93 -6.05
C LYS B 522 38.19 18.49 -4.83
N ALA B 523 36.85 18.49 -4.85
CA ALA B 523 36.09 18.99 -3.72
C ALA B 523 36.26 18.09 -2.49
N ILE B 524 36.40 16.79 -2.71
CA ILE B 524 36.63 15.88 -1.58
C ILE B 524 37.93 16.23 -0.88
N ASP B 525 38.98 16.51 -1.64
CA ASP B 525 40.25 16.92 -1.05
C ASP B 525 40.15 18.29 -0.39
N ASN B 526 39.34 19.19 -0.97
CA ASN B 526 39.10 20.47 -0.32
C ASN B 526 38.44 20.30 1.04
N LEU B 527 37.56 19.30 1.16
CA LEU B 527 36.88 19.03 2.42
C LEU B 527 37.83 18.63 3.54
N VAL B 528 39.05 18.19 3.21
CA VAL B 528 39.92 17.54 4.18
C VAL B 528 40.36 18.52 5.27
N HIS B 529 40.57 19.79 4.90
CA HIS B 529 41.31 20.71 5.76
C HIS B 529 40.58 20.96 7.09
N ASN B 530 39.25 21.11 7.06
CA ASN B 530 38.51 21.48 8.26
C ASN B 530 37.41 20.49 8.64
N ARG B 531 37.34 19.33 8.00
CA ARG B 531 36.33 18.33 8.31
C ARG B 531 36.96 16.97 8.46
N THR B 532 36.43 16.18 9.39
CA THR B 532 36.75 14.75 9.42
C THR B 532 36.06 14.07 8.24
N VAL B 533 36.85 13.36 7.44
CA VAL B 533 36.33 12.71 6.25
C VAL B 533 36.67 11.22 6.31
N ILE B 534 35.65 10.40 6.11
CA ILE B 534 35.81 8.95 5.94
C ILE B 534 35.37 8.63 4.52
N ILE B 535 36.22 7.93 3.78
CA ILE B 535 35.93 7.62 2.38
C ILE B 535 36.09 6.12 2.16
N ILE B 536 35.12 5.52 1.50
CA ILE B 536 35.13 4.12 1.12
C ILE B 536 35.28 4.08 -0.39
N ALA B 537 36.24 3.29 -0.88
CA ALA B 537 36.48 3.28 -2.32
C ALA B 537 37.15 1.98 -2.73
N HIS B 538 36.64 1.39 -3.81
CA HIS B 538 37.35 0.31 -4.49
C HIS B 538 38.27 0.83 -5.58
N ARG B 539 38.09 2.07 -6.00
CA ARG B 539 39.01 2.75 -6.91
C ARG B 539 40.12 3.34 -6.06
N LEU B 540 41.20 2.57 -5.90
CA LEU B 540 42.27 2.95 -4.98
C LEU B 540 43.01 4.21 -5.44
N SER B 541 42.89 4.59 -6.70
CA SER B 541 43.59 5.77 -7.19
C SER B 541 43.06 7.06 -6.54
N THR B 542 41.76 7.13 -6.29
CA THR B 542 41.18 8.34 -5.71
C THR B 542 41.62 8.55 -4.26
N ILE B 543 41.83 7.46 -3.52
CA ILE B 543 42.11 7.54 -2.10
C ILE B 543 43.56 7.20 -1.78
N ALA B 544 44.45 7.35 -2.77
CA ALA B 544 45.88 7.14 -2.51
C ALA B 544 46.45 8.25 -1.64
N GLY B 545 45.90 9.46 -1.75
CA GLY B 545 46.39 10.58 -0.98
C GLY B 545 45.85 10.69 0.42
N ALA B 546 45.19 9.64 0.92
CA ALA B 546 44.60 9.68 2.26
C ALA B 546 45.68 9.76 3.33
N GLY B 547 45.36 10.47 4.41
CA GLY B 547 46.26 10.53 5.54
C GLY B 547 46.47 9.17 6.18
N ASN B 548 45.41 8.36 6.22
CA ASN B 548 45.49 7.00 6.73
C ASN B 548 44.56 6.11 5.91
N ILE B 549 45.01 4.88 5.66
CA ILE B 549 44.24 3.89 4.91
C ILE B 549 44.11 2.66 5.79
N LEU B 550 42.89 2.16 5.94
CA LEU B 550 42.58 1.04 6.82
C LEU B 550 42.14 -0.13 5.94
N VAL B 551 42.85 -1.25 6.06
CA VAL B 551 42.57 -2.44 5.26
C VAL B 551 41.71 -3.39 6.07
N MET B 552 40.57 -3.79 5.51
CA MET B 552 39.62 -4.67 6.18
C MET B 552 39.54 -6.01 5.46
N GLU B 553 39.38 -7.07 6.23
CA GLU B 553 39.22 -8.42 5.66
C GLU B 553 38.45 -9.28 6.64
N GLU B 554 37.30 -9.79 6.20
CA GLU B 554 36.47 -10.68 7.02
C GLU B 554 36.10 -10.04 8.36
N GLY B 555 35.83 -8.73 8.32
CA GLY B 555 35.42 -8.02 9.50
C GLY B 555 36.52 -7.58 10.44
N GLN B 556 37.78 -7.76 10.07
CA GLN B 556 38.90 -7.35 10.90
C GLN B 556 39.77 -6.35 10.15
N VAL B 557 40.30 -5.37 10.87
CA VAL B 557 41.25 -4.41 10.30
C VAL B 557 42.62 -5.08 10.29
N VAL B 558 42.96 -5.71 9.16
CA VAL B 558 44.16 -6.54 9.11
C VAL B 558 45.42 -5.71 9.07
N GLU B 559 45.40 -4.56 8.39
CA GLU B 559 46.62 -3.81 8.15
C GLU B 559 46.32 -2.32 8.15
N GLN B 560 47.29 -1.54 8.66
CA GLN B 560 47.16 -0.09 8.78
C GLN B 560 48.39 0.58 8.20
N GLY B 561 48.19 1.76 7.63
CA GLY B 561 49.29 2.54 7.11
C GLY B 561 48.82 3.52 6.05
N THR B 562 49.79 4.19 5.45
CA THR B 562 49.55 5.14 4.38
C THR B 562 49.84 4.49 3.03
N HIS B 563 49.65 5.26 1.95
CA HIS B 563 49.82 4.72 0.61
C HIS B 563 51.24 4.22 0.39
N ALA B 564 52.24 5.04 0.70
CA ALA B 564 53.63 4.63 0.55
C ALA B 564 53.99 3.52 1.55
N GLN B 565 53.53 3.65 2.80
CA GLN B 565 53.84 2.64 3.81
C GLN B 565 53.20 1.31 3.47
N LEU B 566 51.94 1.33 3.02
CA LEU B 566 51.26 0.09 2.68
C LEU B 566 51.85 -0.57 1.45
N LEU B 567 52.26 0.22 0.46
CA LEU B 567 52.88 -0.32 -0.74
C LEU B 567 54.32 -0.76 -0.49
N SER B 568 54.96 -0.24 0.56
CA SER B 568 56.34 -0.65 0.85
C SER B 568 56.40 -2.08 1.35
N HIS B 569 55.44 -2.49 2.18
CA HIS B 569 55.39 -3.83 2.74
C HIS B 569 54.33 -4.64 1.99
N HIS B 570 54.74 -5.79 1.46
CA HIS B 570 53.83 -6.66 0.73
C HIS B 570 52.67 -7.10 1.61
N GLY B 571 51.47 -6.64 1.30
CA GLY B 571 50.28 -6.96 2.07
C GLY B 571 49.06 -6.96 1.19
N ARG B 572 47.89 -6.75 1.81
CA ARG B 572 46.64 -6.78 1.06
C ARG B 572 46.44 -5.52 0.23
N TYR B 573 46.87 -4.36 0.74
CA TYR B 573 46.77 -3.14 -0.04
C TYR B 573 47.63 -3.22 -1.30
N GLN B 574 48.85 -3.76 -1.17
CA GLN B 574 49.71 -3.93 -2.33
C GLN B 574 49.10 -4.88 -3.34
N ALA B 575 48.52 -5.98 -2.86
CA ALA B 575 47.87 -6.94 -3.75
C ALA B 575 46.69 -6.30 -4.48
N LEU B 576 45.90 -5.50 -3.75
CA LEU B 576 44.78 -4.81 -4.38
C LEU B 576 45.25 -3.82 -5.44
N TRP B 577 46.33 -3.09 -5.15
CA TRP B 577 46.85 -2.16 -6.15
C TRP B 577 47.40 -2.88 -7.37
N GLN B 578 48.06 -4.03 -7.17
CA GLN B 578 48.52 -4.81 -8.31
C GLN B 578 47.34 -5.32 -9.13
N ALA B 579 46.28 -5.77 -8.47
CA ALA B 579 45.10 -6.23 -9.19
C ALA B 579 44.46 -5.08 -9.99
N GLN B 580 44.41 -3.89 -9.40
CA GLN B 580 43.88 -2.73 -10.12
C GLN B 580 44.75 -2.40 -11.33
N MET B 581 46.07 -2.45 -11.16
CA MET B 581 47.00 -2.19 -12.26
C MET B 581 47.10 -3.36 -13.22
N ALA B 582 46.69 -4.56 -12.81
CA ALA B 582 46.79 -5.72 -13.68
C ALA B 582 45.88 -5.58 -14.89
N ALA B 583 46.39 -6.02 -16.04
CA ALA B 583 45.61 -5.96 -17.27
C ALA B 583 44.47 -6.98 -17.25
N ARG B 584 43.39 -6.65 -17.93
CA ARG B 584 42.21 -7.52 -18.03
C ARG B 584 42.14 -8.07 -19.45
N VAL B 585 42.08 -9.39 -19.56
CA VAL B 585 42.13 -10.08 -20.85
C VAL B 585 40.79 -10.78 -21.08
N TRP B 586 40.19 -10.55 -22.24
CA TRP B 586 38.93 -11.20 -22.59
C TRP B 586 39.07 -12.29 -23.64
N ARG B 587 40.21 -12.38 -24.32
CA ARG B 587 40.48 -13.44 -25.30
C ARG B 587 39.40 -13.48 -26.38
N ASP B 588 39.16 -12.33 -27.00
CA ASP B 588 38.15 -12.18 -28.04
C ASP B 588 36.76 -12.57 -27.55
MG MG C . 23.07 4.41 -16.60
PB AOV D . 24.41 7.01 -19.38
O1B AOV D . 24.23 5.53 -19.28
O2B AOV D . 25.41 7.36 -20.48
O3B AOV D . 25.04 7.48 -18.06
PA AOV D . 21.57 7.02 -19.48
O1A AOV D . 21.65 6.11 -20.65
O2A AOV D . 21.28 6.62 -18.03
O3A AOV D . 22.99 7.71 -19.60
O5' AOV D . 20.86 8.42 -19.79
C5' AOV D . 21.44 9.54 -20.52
C4' AOV D . 20.55 10.78 -20.54
O4' AOV D . 19.17 10.27 -20.60
C3' AOV D . 20.72 11.70 -19.32
O3' AOV D . 20.40 12.97 -19.82
C2' AOV D . 19.63 11.09 -18.48
O2' AOV D . 19.20 11.98 -17.48
C1' AOV D . 18.52 10.74 -19.42
N9 AOV D . 17.65 9.72 -18.80
C8 AOV D . 18.09 8.52 -18.40
N7 AOV D . 17.06 7.81 -17.88
C5 AOV D . 16.00 8.63 -17.99
C6 AOV D . 14.58 8.45 -17.60
N6 AOV D . 14.17 7.29 -17.03
N1 AOV D . 13.69 9.43 -17.82
C2 AOV D . 14.10 10.59 -18.40
N3 AOV D . 15.37 10.82 -18.77
C4 AOV D . 16.35 9.91 -18.60
VG AOV D . 26.05 6.58 -16.53
O1G AOV D . 27.62 6.82 -17.35
O2G AOV D . 25.82 8.10 -15.60
O3G AOV D . 24.89 5.31 -16.17
O4G AOV D . 26.94 6.06 -14.99
MG MG E . 28.33 -1.60 1.44
PB AOV F . 31.22 -4.08 2.81
O1B AOV F . 30.89 -2.61 2.92
O2B AOV F . 32.69 -4.32 3.13
O3B AOV F . 31.01 -4.47 1.34
PA AOV F . 28.95 -4.35 4.50
O1A AOV F . 29.61 -3.45 5.47
O2A AOV F . 27.85 -3.98 3.49
O3A AOV F . 30.23 -4.91 3.76
O5' AOV F . 28.65 -5.82 5.07
C5' AOV F . 29.63 -6.89 5.29
C4' AOV F . 29.00 -8.21 5.73
O4' AOV F . 27.88 -7.84 6.58
C3' AOV F . 28.53 -9.10 4.58
O3' AOV F . 28.65 -10.39 5.09
C2' AOV F . 27.11 -8.60 4.54
O2' AOV F . 26.26 -9.52 3.91
C1' AOV F . 26.72 -8.36 5.97
N9 AOV F . 25.56 -7.43 6.02
C8 AOV F . 25.60 -6.19 5.50
N7 AOV F . 24.42 -5.58 5.69
C5 AOV F . 23.67 -6.49 6.33
C6 AOV F . 22.27 -6.46 6.84
N6 AOV F . 21.52 -5.33 6.66
N1 AOV F . 21.75 -7.52 7.46
C2 AOV F . 22.50 -8.63 7.63
N3 AOV F . 23.77 -8.74 7.21
C4 AOV F . 24.40 -7.74 6.56
VG AOV F . 30.90 -3.48 -0.44
O1G AOV F . 32.66 -3.57 -0.65
O2G AOV F . 30.30 -5.00 -1.16
O3G AOV F . 29.65 -2.32 -0.01
O4G AOV F . 30.71 -2.87 -2.18
#